data_4MH1
#
_entry.id   4MH1
#
_cell.length_a   201.530
_cell.length_b   201.530
_cell.length_c   201.530
_cell.angle_alpha   90.00
_cell.angle_beta   90.00
_cell.angle_gamma   90.00
#
_symmetry.space_group_name_H-M   'P 4 3 2'
#
loop_
_entity.id
_entity.type
_entity.pdbx_description
1 polymer 'Sorbose dehydrogenase'
2 non-polymer 'PYRROLOQUINOLINE QUINONE'
3 non-polymer 'CALCIUM ION'
#
_entity_poly.entity_id   1
_entity_poly.type   'polypeptide(L)'
_entity_poly.pdbx_seq_one_letter_code
;YFQSAQTAITDEMLANPPAGEWISYGQNQENYRHSPLTQITTENVGQLQLVWARGMQPGKVQVTPLIHDGVMYLANPGDV
IQAIDAKTGDLIWEHRRQLPNIATLNSFGEPTRGMALYGTNVYFVSWDNHLVALDMGTGQVVFDVDRGQGDERVSNSSGP
IVANGTIVAGSTCQYSPFGCFVSGHDSATGEELWRNYFIPRAGEEGDETWGNDYESRWMTGAWGQITYDPVTNLVHYGST
AVGPASETQRGTPGGTLYGTNTRFAVRPDTGEIVWRHQTLPRDNWDQECTFEMMVTNVDVQPSTEMEGLQSINPNAATGE
RRVLTGVPCKTGTMWQFDAETGEFLWARDTNYQNMIESIDENGIVTVNEDAILKELDVEYDVCPTFLGGRDWPSAALNPD
SGIYFIPLNNVCYDMMAVDQEFTSMDVYNTSNVTKLPPGKDMIGRIDAIDISTGRTLWSVERAAANYSPVLSTGGGVLFN
GGTDRYFRALSQETGETLWQTRLATVASGQAISYEVDGMQYVAIAGGGVSYGSGLNSALAGERVDSTAIGNAVYVFALPQ
;
_entity_poly.pdbx_strand_id   A,B
#
# COMPACT_ATOMS: atom_id res chain seq x y z
N TYR A 1 8.78 9.63 -20.74
CA TYR A 1 9.19 8.99 -19.49
C TYR A 1 10.57 8.36 -19.64
N PHE A 2 11.61 9.12 -19.98
CA PHE A 2 12.90 8.51 -20.29
C PHE A 2 14.10 9.14 -19.59
N GLN A 3 15.21 8.39 -19.52
CA GLN A 3 16.52 8.90 -19.10
C GLN A 3 17.54 8.34 -20.12
N SER A 4 18.80 8.78 -20.09
CA SER A 4 19.77 8.31 -21.09
C SER A 4 20.93 7.46 -20.52
N ALA A 5 22.05 8.10 -20.19
CA ALA A 5 23.12 7.48 -19.39
C ALA A 5 23.81 6.25 -20.08
N GLN A 6 24.82 5.51 -19.55
CA GLN A 6 25.49 5.51 -18.21
C GLN A 6 24.63 4.80 -17.11
N THR A 7 25.20 4.35 -15.98
CA THR A 7 26.60 3.96 -15.81
C THR A 7 26.72 2.51 -16.24
N ALA A 8 26.87 2.28 -17.54
CA ALA A 8 26.87 0.95 -18.14
C ALA A 8 27.59 -0.11 -17.28
N ILE A 9 26.93 -1.22 -17.08
CA ILE A 9 27.35 -2.21 -16.10
C ILE A 9 28.21 -3.31 -16.73
N THR A 10 29.51 -3.33 -16.42
CA THR A 10 30.39 -4.35 -16.94
C THR A 10 30.44 -5.56 -16.02
N ASP A 11 31.05 -6.65 -16.49
CA ASP A 11 31.26 -7.81 -15.63
C ASP A 11 32.11 -7.44 -14.40
N GLU A 12 33.09 -6.58 -14.61
CA GLU A 12 33.88 -6.06 -13.51
C GLU A 12 33.02 -5.36 -12.45
N MET A 13 32.04 -4.58 -12.90
CA MET A 13 31.09 -3.92 -12.01
C MET A 13 30.22 -4.90 -11.22
N LEU A 14 29.67 -5.92 -11.90
CA LEU A 14 28.92 -6.96 -11.21
C LEU A 14 29.77 -7.70 -10.17
N ALA A 15 31.06 -7.85 -10.45
CA ALA A 15 31.95 -8.55 -9.54
C ALA A 15 32.34 -7.72 -8.30
N ASN A 16 32.30 -6.39 -8.45
CA ASN A 16 32.53 -5.49 -7.32
C ASN A 16 31.57 -4.34 -7.43
N PRO A 17 30.31 -4.58 -7.07
CA PRO A 17 29.28 -3.55 -7.20
C PRO A 17 29.45 -2.53 -6.08
N PRO A 18 28.90 -1.33 -6.28
CA PRO A 18 28.95 -0.26 -5.27
C PRO A 18 28.16 -0.67 -4.03
N ALA A 19 28.66 -0.29 -2.86
CA ALA A 19 28.02 -0.67 -1.61
C ALA A 19 26.57 -0.21 -1.57
N GLY A 20 26.32 0.95 -2.19
CA GLY A 20 25.03 1.57 -2.13
C GLY A 20 24.07 1.18 -3.24
N GLU A 21 24.44 0.19 -4.03
CA GLU A 21 23.56 -0.28 -5.10
C GLU A 21 23.19 -1.73 -4.91
N TRP A 22 22.19 -2.18 -5.66
CA TRP A 22 21.73 -3.58 -5.63
C TRP A 22 21.51 -4.06 -7.07
N ILE A 23 22.59 -4.48 -7.72
CA ILE A 23 22.54 -4.77 -9.15
C ILE A 23 22.68 -6.26 -9.49
N SER A 24 22.74 -7.10 -8.48
CA SER A 24 22.56 -8.53 -8.70
C SER A 24 21.41 -8.93 -7.79
N TYR A 25 20.83 -10.08 -8.04
CA TYR A 25 19.75 -10.58 -7.20
C TYR A 25 20.12 -10.56 -5.68
N GLY A 26 21.26 -11.12 -5.32
CA GLY A 26 21.72 -11.07 -3.94
C GLY A 26 22.65 -9.91 -3.63
N GLN A 27 22.55 -8.82 -4.41
CA GLN A 27 23.46 -7.65 -4.35
C GLN A 27 24.92 -7.88 -4.80
N ASN A 28 25.60 -8.89 -4.27
CA ASN A 28 26.84 -9.32 -4.89
C ASN A 28 26.57 -10.61 -5.66
N GLN A 29 27.41 -10.94 -6.64
CA GLN A 29 27.18 -12.13 -7.48
C GLN A 29 27.24 -13.45 -6.73
N GLU A 30 28.04 -13.52 -5.67
CA GLU A 30 28.19 -14.74 -4.89
C GLU A 30 27.00 -14.93 -3.95
N ASN A 31 26.05 -14.00 -4.05
CA ASN A 31 24.75 -14.01 -3.37
C ASN A 31 24.65 -13.35 -2.00
N TYR A 32 24.64 -14.06 -0.89
CA TYR A 32 24.78 -13.34 0.41
C TYR A 32 23.59 -12.48 0.83
N ARG A 33 23.08 -11.66 -0.09
CA ARG A 33 21.92 -10.82 0.19
C ARG A 33 22.28 -9.85 1.32
N HIS A 34 23.46 -9.27 1.23
CA HIS A 34 23.98 -8.46 2.30
C HIS A 34 24.32 -7.06 1.80
N SER A 35 23.71 -6.04 2.41
CA SER A 35 24.08 -4.65 2.11
C SER A 35 25.23 -4.23 3.02
N PRO A 36 26.37 -3.88 2.43
CA PRO A 36 27.51 -3.38 3.20
C PRO A 36 27.26 -2.01 3.85
N LEU A 37 26.17 -1.34 3.50
CA LEU A 37 25.79 -0.05 4.11
C LEU A 37 25.69 -0.10 5.64
N THR A 38 26.04 1.02 6.28
CA THR A 38 26.19 1.04 7.74
C THR A 38 25.40 2.12 8.52
N GLN A 39 24.76 3.07 7.84
CA GLN A 39 24.03 4.12 8.55
C GLN A 39 23.00 3.57 9.51
N ILE A 40 22.19 2.64 9.03
CA ILE A 40 21.18 2.03 9.87
C ILE A 40 21.87 1.00 10.73
N THR A 41 21.87 1.20 12.03
CA THR A 41 22.49 0.25 12.94
C THR A 41 21.44 -0.23 13.88
N THR A 42 21.87 -1.00 14.86
CA THR A 42 20.98 -1.50 15.89
C THR A 42 20.52 -0.38 16.81
N GLU A 43 21.38 0.61 17.00
CA GLU A 43 21.03 1.70 17.88
C GLU A 43 19.92 2.58 17.32
N ASN A 44 19.89 2.75 16.01
CA ASN A 44 18.90 3.65 15.43
C ASN A 44 17.79 3.00 14.59
N VAL A 45 17.81 1.69 14.45
CA VAL A 45 16.85 1.06 13.55
C VAL A 45 15.42 1.25 14.03
N GLY A 46 15.25 1.40 15.34
CA GLY A 46 13.94 1.69 15.91
C GLY A 46 13.30 3.01 15.49
N GLN A 47 14.03 3.83 14.72
CA GLN A 47 13.50 5.12 14.27
C GLN A 47 13.04 5.15 12.80
N LEU A 48 13.21 4.03 12.10
CA LEU A 48 12.89 3.92 10.67
C LEU A 48 11.46 4.38 10.30
N GLN A 49 11.34 5.27 9.32
CA GLN A 49 10.04 5.75 8.85
C GLN A 49 9.76 5.24 7.46
N LEU A 50 8.49 5.27 7.06
CA LEU A 50 8.16 5.10 5.66
C LEU A 50 8.54 6.41 4.92
N VAL A 51 9.40 6.30 3.90
CA VAL A 51 9.64 7.44 3.01
C VAL A 51 8.63 7.46 1.86
N TRP A 52 8.48 6.33 1.18
CA TRP A 52 7.51 6.20 0.08
C TRP A 52 7.07 4.78 -0.22
N ALA A 53 5.84 4.63 -0.70
CA ALA A 53 5.31 3.37 -1.17
C ALA A 53 4.74 3.58 -2.58
N ARG A 54 4.60 2.49 -3.33
CA ARG A 54 3.90 2.54 -4.62
C ARG A 54 3.19 1.22 -4.89
N GLY A 55 1.95 1.33 -5.38
CA GLY A 55 1.14 0.16 -5.67
C GLY A 55 1.67 -0.70 -6.77
N MET A 56 1.56 -2.01 -6.60
CA MET A 56 2.05 -2.93 -7.60
C MET A 56 0.85 -3.67 -8.20
N GLN A 57 1.04 -4.31 -9.34
CA GLN A 57 0.01 -5.20 -9.90
C GLN A 57 -0.34 -6.34 -8.91
N PRO A 58 -1.60 -6.78 -8.90
CA PRO A 58 -2.03 -7.94 -8.12
C PRO A 58 -1.46 -9.26 -8.62
N GLY A 59 -1.37 -10.23 -7.72
CA GLY A 59 -0.69 -11.48 -7.99
C GLY A 59 0.31 -11.74 -6.89
N LYS A 60 1.06 -12.82 -7.02
CA LYS A 60 2.06 -13.16 -6.02
C LYS A 60 3.24 -12.20 -6.15
N VAL A 61 3.61 -11.59 -5.03
CA VAL A 61 4.80 -10.73 -4.99
C VAL A 61 5.97 -11.43 -4.30
N GLN A 62 6.98 -11.76 -5.10
CA GLN A 62 8.14 -12.48 -4.59
C GLN A 62 9.42 -11.77 -5.00
N VAL A 63 9.28 -10.51 -5.39
CA VAL A 63 10.29 -9.83 -6.16
C VAL A 63 11.51 -9.32 -5.35
N THR A 64 12.68 -9.34 -5.97
CA THR A 64 13.83 -8.61 -5.44
C THR A 64 14.01 -7.42 -6.35
N PRO A 65 13.74 -6.21 -5.84
CA PRO A 65 14.00 -5.00 -6.60
C PRO A 65 15.49 -4.87 -6.88
N LEU A 66 15.82 -4.18 -7.98
CA LEU A 66 17.20 -3.83 -8.28
C LEU A 66 17.31 -2.32 -8.26
N ILE A 67 18.41 -1.80 -7.71
CA ILE A 67 18.70 -0.37 -7.77
C ILE A 67 20.06 -0.09 -8.41
N HIS A 68 20.03 0.75 -9.43
CA HIS A 68 21.25 1.22 -10.07
C HIS A 68 21.10 2.69 -10.36
N ASP A 69 22.12 3.46 -9.95
CA ASP A 69 22.20 4.85 -10.34
C ASP A 69 20.92 5.62 -9.95
N GLY A 70 20.38 5.31 -8.77
CA GLY A 70 19.19 5.97 -8.27
C GLY A 70 17.90 5.51 -8.89
N VAL A 71 17.96 4.50 -9.77
CA VAL A 71 16.75 3.95 -10.38
C VAL A 71 16.41 2.57 -9.82
N MET A 72 15.17 2.38 -9.38
CA MET A 72 14.70 1.06 -8.98
C MET A 72 14.12 0.35 -10.20
N TYR A 73 14.55 -0.87 -10.45
CA TYR A 73 13.91 -1.70 -11.45
C TYR A 73 13.06 -2.77 -10.79
N LEU A 74 11.77 -2.79 -11.12
CA LEU A 74 10.79 -3.54 -10.34
C LEU A 74 9.89 -4.41 -11.21
N ALA A 75 10.03 -5.74 -11.10
CA ALA A 75 9.19 -6.63 -11.90
C ALA A 75 7.85 -6.93 -11.22
N ASN A 76 6.75 -6.49 -11.83
CA ASN A 76 5.42 -6.74 -11.29
C ASN A 76 4.87 -8.08 -11.84
N PRO A 77 3.90 -8.70 -11.13
CA PRO A 77 3.23 -9.90 -11.62
C PRO A 77 2.58 -9.63 -12.96
N GLY A 78 2.71 -10.54 -13.91
CA GLY A 78 2.13 -10.34 -15.22
C GLY A 78 3.10 -9.68 -16.21
N ASP A 79 4.39 -9.76 -15.88
CA ASP A 79 5.43 -9.16 -16.70
C ASP A 79 5.16 -7.71 -16.98
N VAL A 80 4.88 -6.95 -15.91
CA VAL A 80 4.84 -5.51 -16.00
C VAL A 80 6.15 -5.05 -15.39
N ILE A 81 6.99 -4.40 -16.16
CA ILE A 81 8.29 -3.99 -15.65
C ILE A 81 8.34 -2.47 -15.44
N GLN A 82 8.66 -2.05 -14.23
CA GLN A 82 8.72 -0.62 -13.93
C GLN A 82 10.10 -0.16 -13.54
N ALA A 83 10.43 1.07 -13.94
CA ALA A 83 11.61 1.75 -13.45
C ALA A 83 11.15 2.98 -12.69
N ILE A 84 11.58 3.10 -11.45
CA ILE A 84 11.06 4.11 -10.54
C ILE A 84 12.21 4.90 -9.92
N ASP A 85 12.00 6.20 -9.72
CA ASP A 85 12.96 7.02 -8.97
C ASP A 85 13.12 6.36 -7.60
N ALA A 86 14.32 5.88 -7.30
CA ALA A 86 14.48 5.08 -6.09
C ALA A 86 14.53 5.90 -4.79
N LYS A 87 14.56 7.21 -4.89
CA LYS A 87 14.47 8.06 -3.69
C LYS A 87 13.05 8.59 -3.45
N THR A 88 12.27 8.78 -4.50
CA THR A 88 11.02 9.48 -4.34
C THR A 88 9.80 8.62 -4.60
N GLY A 89 9.95 7.57 -5.41
CA GLY A 89 8.83 6.73 -5.78
C GLY A 89 8.08 7.21 -7.01
N ASP A 90 8.60 8.21 -7.71
CA ASP A 90 8.02 8.62 -8.99
C ASP A 90 8.25 7.54 -10.05
N LEU A 91 7.20 7.10 -10.69
CA LEU A 91 7.38 6.21 -11.84
C LEU A 91 8.17 6.90 -12.97
N ILE A 92 9.17 6.22 -13.51
CA ILE A 92 9.83 6.72 -14.71
C ILE A 92 9.18 6.08 -15.91
N TRP A 93 9.45 4.79 -16.13
CA TRP A 93 8.73 4.08 -17.18
C TRP A 93 8.17 2.77 -16.69
N GLU A 94 7.25 2.22 -17.48
CA GLU A 94 6.62 0.95 -17.24
C GLU A 94 6.42 0.24 -18.57
N HIS A 95 6.88 -1.01 -18.66
CA HIS A 95 6.75 -1.82 -19.87
C HIS A 95 5.79 -2.99 -19.64
N ARG A 96 4.67 -3.03 -20.34
CA ARG A 96 3.74 -4.13 -20.14
C ARG A 96 3.90 -5.13 -21.28
N ARG A 97 4.35 -6.33 -20.97
CA ARG A 97 4.37 -7.38 -21.96
C ARG A 97 2.95 -7.84 -22.25
N GLN A 98 2.61 -8.01 -23.52
CA GLN A 98 1.31 -8.56 -23.88
C GLN A 98 1.40 -10.09 -23.79
N LEU A 99 0.52 -10.72 -23.01
CA LEU A 99 0.69 -12.16 -22.75
C LEU A 99 -0.18 -13.16 -23.59
N PRO A 100 -1.38 -13.58 -23.12
CA PRO A 100 -2.18 -13.67 -21.89
C PRO A 100 -2.65 -15.11 -21.63
N ASN A 101 -3.51 -15.28 -20.62
CA ASN A 101 -4.28 -16.51 -20.34
C ASN A 101 -3.63 -17.61 -19.46
N ILE A 102 -3.45 -18.80 -20.03
CA ILE A 102 -3.06 -19.99 -19.25
C ILE A 102 -1.72 -20.65 -19.64
N ALA A 103 -0.70 -20.43 -18.81
CA ALA A 103 0.57 -21.14 -18.89
C ALA A 103 0.84 -21.79 -17.53
N THR A 104 2.10 -22.04 -17.22
CA THR A 104 2.45 -22.71 -15.95
C THR A 104 2.16 -21.83 -14.73
N LEU A 105 1.36 -22.35 -13.80
CA LEU A 105 1.04 -21.64 -12.56
C LEU A 105 1.95 -22.06 -11.40
N SER A 107 -4.23 -11.65 -7.05
CA SER A 107 -5.42 -11.72 -7.90
C SER A 107 -5.16 -11.31 -9.38
N PHE A 108 -4.14 -11.91 -9.99
CA PHE A 108 -3.82 -11.72 -11.42
C PHE A 108 -2.69 -12.64 -11.94
N GLY A 109 -1.46 -12.38 -11.53
CA GLY A 109 -0.29 -13.02 -12.13
C GLY A 109 0.64 -13.89 -11.28
N GLU A 110 1.60 -14.49 -11.99
CA GLU A 110 2.66 -15.35 -11.46
C GLU A 110 3.89 -14.48 -11.24
N PRO A 111 4.77 -14.87 -10.31
CA PRO A 111 5.95 -14.05 -10.04
C PRO A 111 6.98 -14.09 -11.15
N THR A 112 7.43 -12.91 -11.57
CA THR A 112 8.63 -12.78 -12.40
C THR A 112 9.80 -12.37 -11.50
N ARG A 113 9.78 -12.80 -10.22
CA ARG A 113 10.78 -12.45 -9.18
C ARG A 113 12.28 -12.71 -9.47
N GLY A 114 13.05 -11.64 -9.68
CA GLY A 114 14.43 -11.77 -10.13
C GLY A 114 14.65 -11.28 -11.56
N MET A 115 15.52 -10.29 -11.71
CA MET A 115 15.88 -9.74 -13.00
C MET A 115 17.37 -9.53 -12.96
N ALA A 116 17.99 -9.34 -14.11
CA ALA A 116 19.41 -9.02 -14.11
C ALA A 116 19.70 -7.74 -14.87
N LEU A 117 20.71 -7.00 -14.41
CA LEU A 117 21.20 -5.83 -15.12
C LEU A 117 22.55 -6.15 -15.76
N TYR A 118 22.73 -5.77 -17.02
CA TYR A 118 24.02 -5.90 -17.66
C TYR A 118 24.13 -4.90 -18.83
N GLY A 119 25.29 -4.29 -18.98
CA GLY A 119 25.45 -3.24 -19.98
C GLY A 119 24.46 -2.12 -19.73
N THR A 120 23.57 -1.87 -20.69
CA THR A 120 22.49 -0.93 -20.48
C THR A 120 21.10 -1.56 -20.56
N ASN A 121 21.03 -2.88 -20.31
CA ASN A 121 19.76 -3.62 -20.38
C ASN A 121 19.23 -4.14 -19.05
N VAL A 122 17.92 -4.31 -18.97
CA VAL A 122 17.34 -5.07 -17.90
C VAL A 122 16.93 -6.39 -18.54
N TYR A 123 17.26 -7.51 -17.91
CA TYR A 123 16.90 -8.80 -18.47
C TYR A 123 15.91 -9.52 -17.56
N PHE A 124 14.91 -10.17 -18.17
CA PHE A 124 14.06 -11.09 -17.44
C PHE A 124 13.58 -12.24 -18.34
N VAL A 125 13.10 -13.31 -17.74
CA VAL A 125 12.45 -14.33 -18.53
C VAL A 125 10.95 -14.15 -18.34
N SER A 126 10.22 -14.12 -19.46
CA SER A 126 8.78 -13.87 -19.45
C SER A 126 7.99 -15.10 -19.03
N TRP A 127 6.72 -14.89 -18.71
CA TRP A 127 5.81 -15.94 -18.26
C TRP A 127 5.68 -17.05 -19.32
N ASP A 128 5.91 -16.70 -20.58
CA ASP A 128 5.87 -17.69 -21.66
C ASP A 128 7.26 -18.09 -22.15
N ASN A 129 8.26 -17.94 -21.28
CA ASN A 129 9.63 -18.42 -21.49
C ASN A 129 10.42 -17.74 -22.62
N HIS A 130 10.28 -16.42 -22.73
CA HIS A 130 11.17 -15.65 -23.59
C HIS A 130 12.20 -14.92 -22.74
N LEU A 131 13.44 -14.90 -23.23
CA LEU A 131 14.47 -14.06 -22.64
C LEU A 131 14.26 -12.68 -23.23
N VAL A 132 14.11 -11.68 -22.36
CA VAL A 132 13.76 -10.35 -22.82
C VAL A 132 14.67 -9.27 -22.24
N ALA A 133 15.17 -8.42 -23.14
CA ALA A 133 16.05 -7.34 -22.77
C ALA A 133 15.39 -5.99 -23.04
N LEU A 134 15.32 -5.15 -22.01
CA LEU A 134 14.83 -3.79 -22.13
C LEU A 134 15.96 -2.79 -21.91
N ASP A 135 15.89 -1.67 -22.61
CA ASP A 135 16.83 -0.59 -22.36
C ASP A 135 16.55 0.06 -21.00
N MET A 136 17.60 0.38 -20.25
CA MET A 136 17.45 0.90 -18.89
C MET A 136 16.77 2.27 -18.90
N GLY A 137 17.13 3.08 -19.91
CA GLY A 137 16.63 4.44 -20.00
C GLY A 137 15.17 4.63 -20.39
N THR A 138 14.62 3.75 -21.23
CA THR A 138 13.30 4.00 -21.84
C THR A 138 12.28 2.88 -21.65
N GLY A 139 12.73 1.69 -21.29
CA GLY A 139 11.86 0.53 -21.15
C GLY A 139 11.58 -0.15 -22.48
N GLN A 140 12.21 0.32 -23.55
CA GLN A 140 11.98 -0.25 -24.87
C GLN A 140 12.65 -1.63 -25.04
N VAL A 141 12.00 -2.51 -25.79
CA VAL A 141 12.53 -3.84 -26.00
C VAL A 141 13.76 -3.80 -26.90
N VAL A 142 14.86 -4.33 -26.40
CA VAL A 142 16.08 -4.44 -27.18
C VAL A 142 16.10 -5.75 -27.96
N PHE A 143 15.67 -6.84 -27.33
CA PHE A 143 15.44 -8.11 -28.03
C PHE A 143 14.47 -8.99 -27.27
N ASP A 144 13.73 -9.81 -28.00
CA ASP A 144 12.79 -10.77 -27.43
C ASP A 144 12.96 -12.11 -28.14
N VAL A 145 13.55 -13.09 -27.46
CA VAL A 145 13.78 -14.39 -28.08
C VAL A 145 13.13 -15.57 -27.33
N ASP A 146 12.54 -16.49 -28.10
CA ASP A 146 11.87 -17.65 -27.53
C ASP A 146 12.90 -18.72 -27.14
N ARG A 147 12.74 -19.27 -25.93
CA ARG A 147 13.60 -20.35 -25.43
C ARG A 147 12.94 -21.72 -25.59
N GLY A 148 11.62 -21.71 -25.82
CA GLY A 148 10.88 -22.96 -25.93
C GLY A 148 10.55 -23.39 -27.36
N GLN A 149 9.56 -24.25 -27.48
CA GLN A 149 9.13 -24.75 -28.78
C GLN A 149 7.77 -25.43 -28.63
N GLY A 150 6.74 -24.88 -29.27
CA GLY A 150 5.45 -25.52 -29.25
C GLY A 150 4.22 -24.70 -29.66
N ASP A 151 3.66 -23.90 -28.76
CA ASP A 151 4.22 -23.68 -27.42
C ASP A 151 4.07 -24.83 -26.44
N GLU A 152 4.48 -24.59 -25.20
CA GLU A 152 4.61 -25.64 -24.20
C GLU A 152 3.87 -25.24 -22.93
N ARG A 153 4.44 -25.60 -21.78
CA ARG A 153 4.01 -25.08 -20.49
C ARG A 153 5.21 -24.93 -19.57
N VAL A 154 6.41 -24.85 -20.17
CA VAL A 154 7.65 -24.62 -19.43
C VAL A 154 7.86 -23.14 -19.17
N SER A 155 8.04 -22.79 -17.90
CA SER A 155 8.13 -21.39 -17.45
C SER A 155 9.48 -21.10 -16.77
N ASN A 156 9.48 -20.12 -15.86
CA ASN A 156 10.67 -19.70 -15.12
C ASN A 156 10.28 -18.62 -14.10
N SER A 157 10.76 -18.74 -12.87
CA SER A 157 10.35 -17.80 -11.83
C SER A 157 11.52 -17.14 -11.07
N SER A 158 12.68 -17.79 -11.03
CA SER A 158 13.79 -17.17 -10.32
C SER A 158 14.50 -16.14 -11.19
N GLY A 159 14.53 -16.38 -12.50
CA GLY A 159 15.05 -15.41 -13.45
C GLY A 159 16.46 -15.70 -13.89
N PRO A 160 16.96 -14.92 -14.86
CA PRO A 160 18.32 -15.03 -15.39
C PRO A 160 19.35 -14.29 -14.55
N ILE A 161 20.61 -14.73 -14.64
CA ILE A 161 21.73 -14.02 -14.06
C ILE A 161 22.80 -13.84 -15.12
N VAL A 162 23.76 -12.98 -14.83
CA VAL A 162 24.86 -12.72 -15.73
C VAL A 162 26.00 -13.53 -15.19
N ALA A 163 26.69 -14.24 -16.07
CA ALA A 163 27.91 -14.93 -15.66
C ALA A 163 28.96 -14.71 -16.73
N ASN A 164 29.87 -13.79 -16.48
CA ASN A 164 30.92 -13.44 -17.42
C ASN A 164 30.45 -13.19 -18.84
N GLY A 165 29.55 -12.22 -19.00
CA GLY A 165 29.01 -11.88 -20.29
C GLY A 165 27.89 -12.78 -20.77
N THR A 166 27.75 -13.96 -20.19
CA THR A 166 26.68 -14.88 -20.59
C THR A 166 25.45 -14.71 -19.71
N ILE A 167 24.27 -14.79 -20.30
CA ILE A 167 23.02 -14.81 -19.56
C ILE A 167 22.61 -16.28 -19.34
N VAL A 168 22.46 -16.66 -18.08
CA VAL A 168 22.15 -18.04 -17.70
C VAL A 168 20.75 -18.09 -17.08
N ALA A 169 19.94 -19.10 -17.43
CA ALA A 169 18.59 -19.21 -16.89
C ALA A 169 18.01 -20.61 -16.84
N GLY A 170 17.16 -20.86 -15.85
CA GLY A 170 16.54 -22.17 -15.68
C GLY A 170 15.18 -22.37 -16.34
N SER A 171 14.33 -23.14 -15.67
CA SER A 171 13.01 -23.48 -16.21
C SER A 171 12.09 -23.85 -15.04
N THR A 172 10.82 -24.12 -15.37
CA THR A 172 9.88 -24.82 -14.49
C THR A 172 9.08 -25.83 -15.31
N GLY A 179 12.56 -30.26 -22.80
CA GLY A 179 12.30 -29.47 -21.61
C GLY A 179 13.08 -29.93 -20.39
N CYS A 180 13.23 -29.02 -19.42
CA CYS A 180 13.85 -29.25 -18.11
C CYS A 180 15.39 -29.12 -18.17
N PHE A 181 15.85 -27.89 -18.37
CA PHE A 181 17.27 -27.68 -18.57
C PHE A 181 17.72 -26.31 -18.10
N VAL A 182 19.03 -26.13 -18.02
CA VAL A 182 19.61 -24.81 -17.78
C VAL A 182 20.33 -24.43 -19.06
N SER A 183 20.34 -23.15 -19.37
CA SER A 183 20.75 -22.70 -20.68
C SER A 183 21.60 -21.41 -20.59
N GLY A 184 22.68 -21.36 -21.36
CA GLY A 184 23.43 -20.13 -21.55
C GLY A 184 23.01 -19.35 -22.79
N HIS A 185 23.02 -18.01 -22.71
CA HIS A 185 22.55 -17.15 -23.80
C HIS A 185 23.44 -15.95 -24.01
N ASP A 186 23.51 -15.50 -25.26
CA ASP A 186 24.37 -14.38 -25.61
C ASP A 186 23.75 -13.10 -25.06
N SER A 187 24.54 -12.29 -24.37
CA SER A 187 24.03 -11.07 -23.75
C SER A 187 23.59 -9.98 -24.75
N ALA A 188 24.06 -10.07 -25.98
CA ALA A 188 23.68 -9.06 -26.97
C ALA A 188 22.53 -9.53 -27.86
N THR A 189 22.49 -10.82 -28.19
CA THR A 189 21.46 -11.26 -29.11
C THR A 189 20.41 -12.13 -28.44
N GLY A 190 20.79 -12.76 -27.32
CA GLY A 190 19.91 -13.67 -26.63
C GLY A 190 19.91 -15.06 -27.25
N GLU A 191 20.76 -15.29 -28.26
CA GLU A 191 20.82 -16.63 -28.83
C GLU A 191 21.50 -17.64 -27.88
N GLU A 192 21.02 -18.88 -27.96
CA GLU A 192 21.48 -19.91 -27.04
C GLU A 192 22.89 -20.40 -27.38
N LEU A 193 23.73 -20.50 -26.36
CA LEU A 193 25.10 -20.94 -26.57
C LEU A 193 25.27 -22.39 -26.15
N TRP A 194 24.46 -22.83 -25.19
CA TRP A 194 24.58 -24.18 -24.64
C TRP A 194 23.38 -24.50 -23.78
N ARG A 195 23.09 -25.80 -23.65
CA ARG A 195 22.12 -26.20 -22.65
C ARG A 195 22.52 -27.53 -22.04
N ASN A 196 22.27 -27.67 -20.74
CA ASN A 196 22.48 -28.92 -20.03
C ASN A 196 21.15 -29.46 -19.56
N TYR A 197 20.87 -30.74 -19.76
CA TYR A 197 19.72 -31.32 -19.10
C TYR A 197 20.18 -31.92 -17.79
N PHE A 198 19.23 -32.36 -16.97
CA PHE A 198 19.57 -32.88 -15.65
C PHE A 198 19.59 -34.41 -15.60
N ILE A 199 18.64 -35.03 -16.31
CA ILE A 199 18.35 -36.45 -16.16
C ILE A 199 18.62 -37.26 -17.42
N PRO A 200 19.42 -38.34 -17.30
CA PRO A 200 19.74 -39.29 -18.36
C PRO A 200 18.52 -39.89 -19.03
N ARG A 201 18.69 -40.45 -20.22
CA ARG A 201 17.62 -41.14 -20.94
C ARG A 201 17.75 -42.65 -20.74
N ALA A 202 16.64 -43.36 -20.75
CA ALA A 202 16.66 -44.82 -20.53
C ALA A 202 16.83 -45.66 -21.82
N ARG A 217 5.57 -34.04 -6.37
CA ARG A 217 5.69 -33.72 -7.80
C ARG A 217 5.12 -32.33 -8.16
N TRP A 218 5.80 -31.28 -7.69
CA TRP A 218 5.38 -29.89 -7.92
C TRP A 218 6.15 -29.29 -9.09
N MET A 219 7.08 -28.38 -8.78
CA MET A 219 7.87 -27.72 -9.81
C MET A 219 9.09 -28.58 -10.17
N THR A 220 9.48 -28.59 -11.45
CA THR A 220 10.57 -29.44 -11.94
C THR A 220 11.55 -28.76 -12.91
N GLY A 221 12.78 -28.52 -12.45
CA GLY A 221 13.81 -28.10 -13.37
C GLY A 221 14.54 -26.78 -13.17
N ALA A 222 15.16 -26.62 -12.01
CA ALA A 222 16.02 -25.46 -11.73
C ALA A 222 15.33 -24.07 -11.82
N TRP A 223 14.26 -23.91 -11.05
CA TRP A 223 13.53 -22.63 -10.98
C TRP A 223 13.98 -21.87 -9.73
N GLY A 224 15.04 -22.36 -9.12
CA GLY A 224 15.63 -21.70 -7.98
C GLY A 224 16.71 -20.74 -8.42
N GLN A 225 17.40 -20.17 -7.46
CA GLN A 225 18.31 -19.08 -7.75
C GLN A 225 19.63 -19.67 -8.22
N ILE A 226 20.26 -19.02 -9.19
CA ILE A 226 21.50 -19.51 -9.77
C ILE A 226 22.65 -18.64 -9.26
N THR A 227 23.77 -19.24 -8.88
CA THR A 227 24.87 -18.46 -8.30
C THR A 227 26.17 -18.49 -9.10
N TYR A 228 26.65 -17.31 -9.51
CA TYR A 228 27.90 -17.21 -10.25
C TYR A 228 29.06 -16.72 -9.38
N ASP A 229 30.15 -17.45 -9.36
CA ASP A 229 31.31 -16.94 -8.67
C ASP A 229 32.34 -16.44 -9.66
N PRO A 230 32.61 -15.12 -9.64
CA PRO A 230 33.63 -14.60 -10.55
C PRO A 230 35.05 -15.03 -10.19
N VAL A 231 35.30 -15.49 -8.97
CA VAL A 231 36.68 -15.78 -8.58
C VAL A 231 37.15 -17.11 -9.17
N THR A 232 36.28 -18.11 -9.07
CA THR A 232 36.55 -19.44 -9.60
C THR A 232 35.96 -19.60 -11.01
N ASN A 233 35.21 -18.59 -11.44
CA ASN A 233 34.49 -18.60 -12.71
C ASN A 233 33.55 -19.80 -12.87
N LEU A 234 32.76 -20.04 -11.84
CA LEU A 234 31.82 -21.17 -11.85
C LEU A 234 30.39 -20.72 -11.56
N VAL A 235 29.46 -21.29 -12.29
CA VAL A 235 28.05 -21.06 -12.08
C VAL A 235 27.48 -22.27 -11.33
N HIS A 236 26.67 -22.02 -10.30
CA HIS A 236 26.10 -23.10 -9.49
C HIS A 236 24.58 -23.07 -9.56
N TYR A 237 24.00 -24.22 -9.90
CA TYR A 237 22.54 -24.35 -9.94
C TYR A 237 22.11 -25.72 -9.43
N GLY A 238 20.85 -25.83 -9.04
CA GLY A 238 20.33 -27.10 -8.56
C GLY A 238 19.17 -27.61 -9.37
N SER A 239 19.03 -28.94 -9.42
CA SER A 239 17.90 -29.55 -10.09
C SER A 239 16.91 -29.99 -9.03
N THR A 240 15.71 -30.40 -9.45
CA THR A 240 14.73 -30.94 -8.52
C THR A 240 14.48 -32.41 -8.84
N ALA A 241 13.81 -33.03 -7.92
CA ALA A 241 13.53 -34.32 -8.25
C ALA A 241 12.69 -33.89 -9.36
N VAL A 242 11.77 -34.81 -9.64
CA VAL A 242 10.81 -34.72 -10.73
C VAL A 242 9.44 -35.29 -10.37
N GLY A 255 18.18 -47.43 -7.19
CA GLY A 255 19.09 -46.34 -7.52
C GLY A 255 18.73 -45.02 -6.88
N THR A 256 19.61 -44.03 -7.06
CA THR A 256 19.45 -42.71 -6.45
C THR A 256 18.51 -41.80 -7.24
N LEU A 257 18.05 -42.27 -8.40
CA LEU A 257 17.41 -41.42 -9.41
C LEU A 257 18.38 -40.31 -9.81
N TYR A 258 19.41 -40.71 -10.54
CA TYR A 258 20.44 -39.80 -11.05
C TYR A 258 19.82 -38.96 -12.16
N GLY A 259 20.18 -37.69 -12.32
CA GLY A 259 20.86 -36.84 -11.36
C GLY A 259 19.78 -35.85 -10.93
N THR A 260 18.96 -36.33 -10.02
CA THR A 260 17.80 -35.63 -9.52
C THR A 260 18.28 -34.87 -8.29
N ASN A 261 17.69 -33.70 -8.02
CA ASN A 261 18.05 -32.90 -6.86
C ASN A 261 19.54 -32.77 -6.73
N THR A 262 20.18 -32.29 -7.79
CA THR A 262 21.64 -32.28 -7.85
C THR A 262 22.22 -30.87 -7.96
N ARG A 263 23.31 -30.62 -7.24
CA ARG A 263 24.01 -29.36 -7.35
C ARG A 263 25.09 -29.46 -8.43
N PHE A 264 25.06 -28.54 -9.38
CA PHE A 264 25.98 -28.52 -10.51
C PHE A 264 26.84 -27.28 -10.52
N ALA A 265 28.13 -27.46 -10.76
CA ALA A 265 29.02 -26.33 -10.93
C ALA A 265 29.57 -26.35 -12.37
N VAL A 266 29.19 -25.35 -13.15
CA VAL A 266 29.49 -25.39 -14.57
C VAL A 266 30.23 -24.15 -14.98
N ARG A 267 30.91 -24.20 -16.12
CA ARG A 267 31.53 -23.01 -16.68
C ARG A 267 30.51 -22.21 -17.48
N PRO A 268 30.61 -20.88 -17.42
CA PRO A 268 29.51 -20.06 -17.95
C PRO A 268 29.50 -19.92 -19.46
N ASP A 269 30.66 -19.83 -20.09
CA ASP A 269 30.71 -19.65 -21.53
C ASP A 269 30.23 -20.90 -22.29
N THR A 270 30.50 -22.08 -21.73
CA THR A 270 30.22 -23.35 -22.43
C THR A 270 29.24 -24.29 -21.74
N GLY A 271 28.82 -23.96 -20.53
CA GLY A 271 27.99 -24.87 -19.79
C GLY A 271 28.66 -26.14 -19.26
N GLU A 272 29.93 -26.39 -19.60
CA GLU A 272 30.59 -27.63 -19.17
C GLU A 272 30.57 -27.88 -17.67
N ILE A 273 30.40 -29.14 -17.28
CA ILE A 273 30.18 -29.48 -15.87
C ILE A 273 31.47 -29.83 -15.14
N VAL A 274 31.82 -29.03 -14.15
CA VAL A 274 33.09 -29.18 -13.45
C VAL A 274 33.00 -30.13 -12.25
N TRP A 275 31.94 -29.95 -11.48
CA TRP A 275 31.63 -30.86 -10.39
C TRP A 275 30.14 -30.89 -10.08
N ARG A 276 29.68 -32.01 -9.55
CA ARG A 276 28.29 -32.15 -9.15
C ARG A 276 28.19 -32.89 -7.83
N HIS A 277 27.03 -32.81 -7.19
CA HIS A 277 26.74 -33.56 -5.97
C HIS A 277 25.23 -33.58 -5.72
N GLN A 278 24.69 -34.79 -5.52
CA GLN A 278 23.27 -34.97 -5.24
C GLN A 278 22.97 -34.74 -3.75
N THR A 279 22.10 -33.79 -3.46
CA THR A 279 21.83 -33.45 -2.07
C THR A 279 20.61 -34.14 -1.49
N LEU A 280 19.79 -34.78 -2.33
CA LEU A 280 18.65 -35.58 -1.86
C LEU A 280 18.17 -36.61 -2.90
N PRO A 281 18.66 -37.86 -2.79
CA PRO A 281 18.40 -38.88 -3.81
C PRO A 281 16.94 -39.32 -3.96
N ARG A 282 16.37 -39.98 -2.95
CA ARG A 282 15.13 -40.71 -3.20
C ARG A 282 13.92 -39.86 -2.85
N ASP A 283 13.73 -38.77 -3.60
CA ASP A 283 12.82 -37.73 -3.17
C ASP A 283 11.37 -38.03 -3.52
N ASN A 284 10.56 -38.24 -2.49
CA ASN A 284 9.14 -38.48 -2.67
C ASN A 284 8.31 -37.37 -2.03
N TRP A 285 8.97 -36.23 -1.78
CA TRP A 285 8.34 -35.17 -1.03
C TRP A 285 8.46 -33.83 -1.70
N ASP A 286 8.95 -33.84 -2.94
CA ASP A 286 9.10 -32.63 -3.73
C ASP A 286 9.95 -31.58 -3.00
N GLN A 287 11.20 -31.94 -2.73
CA GLN A 287 12.02 -31.13 -1.85
C GLN A 287 12.94 -30.15 -2.58
N GLU A 288 13.07 -30.35 -3.89
CA GLU A 288 13.59 -29.32 -4.79
C GLU A 288 14.89 -28.66 -4.34
N CYS A 289 15.99 -29.36 -4.52
CA CYS A 289 17.29 -28.85 -4.10
C CYS A 289 17.83 -27.81 -5.06
N THR A 290 17.12 -26.71 -5.21
CA THR A 290 17.38 -25.78 -6.30
C THR A 290 17.54 -24.34 -5.79
N PHE A 291 17.55 -24.17 -4.47
CA PHE A 291 17.67 -22.81 -3.93
C PHE A 291 19.10 -22.30 -3.91
N GLU A 292 19.23 -21.01 -3.61
CA GLU A 292 20.51 -20.33 -3.68
C GLU A 292 21.50 -20.91 -2.70
N MET A 293 22.72 -21.11 -3.21
CA MET A 293 23.87 -21.51 -2.42
C MET A 293 24.83 -20.37 -2.60
N MET A 294 25.70 -20.14 -1.63
CA MET A 294 26.55 -18.96 -1.69
C MET A 294 28.02 -19.32 -1.65
N VAL A 295 28.83 -18.56 -2.37
CA VAL A 295 30.25 -18.85 -2.47
C VAL A 295 31.04 -17.83 -1.66
N THR A 296 31.85 -18.31 -0.73
CA THR A 296 32.60 -17.42 0.15
C THR A 296 33.88 -18.04 0.70
N ASN A 297 34.76 -17.20 1.23
CA ASN A 297 35.95 -17.68 1.92
C ASN A 297 35.67 -17.94 3.38
N VAL A 298 36.07 -19.11 3.86
CA VAL A 298 35.82 -19.41 5.26
C VAL A 298 36.97 -20.17 5.90
N ASP A 299 37.16 -19.99 7.20
CA ASP A 299 38.03 -20.83 7.98
C ASP A 299 37.26 -22.12 8.25
N VAL A 300 37.59 -23.17 7.51
CA VAL A 300 36.87 -24.42 7.64
C VAL A 300 37.27 -25.13 8.93
N GLN A 301 36.34 -25.16 9.88
CA GLN A 301 36.63 -25.57 11.23
C GLN A 301 35.40 -26.23 11.84
N PRO A 302 34.84 -27.24 11.15
CA PRO A 302 33.56 -27.78 11.60
C PRO A 302 33.65 -28.40 13.00
N SER A 303 32.68 -28.09 13.87
CA SER A 303 32.62 -28.65 15.20
C SER A 303 31.80 -29.94 15.26
N THR A 304 32.21 -30.88 16.09
CA THR A 304 31.44 -32.10 16.31
C THR A 304 30.23 -31.85 17.21
N GLU A 305 30.15 -30.66 17.79
CA GLU A 305 29.01 -30.27 18.61
C GLU A 305 28.04 -29.40 17.80
N MET A 306 28.21 -29.46 16.48
CA MET A 306 27.32 -28.81 15.52
C MET A 306 25.93 -29.38 15.76
N GLU A 307 24.92 -28.52 15.86
CA GLU A 307 23.54 -29.01 16.04
C GLU A 307 23.02 -29.62 14.75
N GLY A 308 22.21 -30.65 14.89
CA GLY A 308 21.64 -31.32 13.75
C GLY A 308 22.69 -31.99 12.88
N LEU A 309 23.88 -32.21 13.44
CA LEU A 309 25.01 -32.74 12.69
C LEU A 309 24.69 -34.07 12.02
N GLN A 310 24.95 -34.16 10.72
CA GLN A 310 24.69 -35.38 9.99
C GLN A 310 26.00 -36.09 9.65
N SER A 311 27.04 -35.31 9.34
CA SER A 311 28.30 -35.84 8.86
C SER A 311 29.35 -34.78 8.59
N ILE A 312 30.54 -35.01 9.14
CA ILE A 312 31.70 -34.22 8.78
C ILE A 312 32.70 -35.12 8.09
N ASN A 313 33.14 -34.74 6.89
CA ASN A 313 34.19 -35.45 6.18
C ASN A 313 35.46 -35.42 7.02
N PRO A 314 35.91 -36.59 7.49
CA PRO A 314 37.09 -36.68 8.36
C PRO A 314 38.42 -36.60 7.58
N ASN A 315 38.33 -36.69 6.26
CA ASN A 315 39.52 -36.60 5.42
C ASN A 315 39.72 -35.24 4.79
N ALA A 316 38.85 -34.28 5.10
CA ALA A 316 38.94 -32.97 4.47
C ALA A 316 39.86 -32.06 5.27
N ALA A 317 40.59 -31.21 4.55
CA ALA A 317 41.49 -30.28 5.20
C ALA A 317 40.71 -29.29 6.05
N THR A 318 41.43 -28.58 6.88
CA THR A 318 40.88 -27.66 7.83
C THR A 318 41.61 -26.37 7.48
N GLY A 319 41.02 -25.21 7.75
CA GLY A 319 41.68 -23.96 7.37
C GLY A 319 41.00 -23.12 6.29
N GLU A 320 41.59 -21.98 5.97
CA GLU A 320 41.05 -21.07 4.97
C GLU A 320 40.80 -21.78 3.63
N ARG A 321 39.65 -21.49 3.03
CA ARG A 321 39.21 -22.19 1.82
C ARG A 321 38.01 -21.48 1.16
N ARG A 322 37.99 -21.45 -0.18
CA ARG A 322 36.81 -20.96 -0.88
C ARG A 322 35.79 -22.10 -1.03
N VAL A 323 34.55 -21.80 -0.69
CA VAL A 323 33.57 -22.79 -0.31
C VAL A 323 32.20 -22.52 -0.94
N LEU A 324 31.42 -23.56 -1.17
CA LEU A 324 30.01 -23.38 -1.50
C LEU A 324 29.20 -23.87 -0.30
N THR A 325 28.39 -22.99 0.27
CA THR A 325 27.65 -23.36 1.46
C THR A 325 26.23 -22.83 1.45
N GLY A 326 25.32 -23.55 2.11
CA GLY A 326 23.96 -23.06 2.29
C GLY A 326 22.97 -24.19 2.42
N VAL A 327 21.67 -23.86 2.38
CA VAL A 327 20.64 -24.88 2.35
C VAL A 327 19.96 -24.96 0.98
N PRO A 328 20.28 -26.00 0.22
CA PRO A 328 19.72 -26.08 -1.12
C PRO A 328 18.30 -26.62 -1.21
N CYS A 329 17.87 -27.41 -0.24
CA CYS A 329 16.59 -28.11 -0.36
C CYS A 329 15.60 -27.64 0.70
N LYS A 330 14.33 -27.94 0.46
CA LYS A 330 13.28 -27.57 1.39
C LYS A 330 13.46 -28.29 2.72
N THR A 331 14.17 -29.42 2.69
CA THR A 331 14.25 -30.28 3.85
C THR A 331 15.16 -29.68 4.91
N GLY A 332 15.94 -28.67 4.52
CA GLY A 332 16.61 -27.80 5.49
C GLY A 332 18.07 -28.08 5.81
N THR A 333 18.63 -29.13 5.20
CA THR A 333 20.02 -29.50 5.45
C THR A 333 20.97 -28.42 4.97
N MET A 334 21.84 -27.95 5.86
CA MET A 334 22.90 -27.01 5.48
C MET A 334 24.16 -27.76 5.10
N TRP A 335 24.67 -27.50 3.90
CA TRP A 335 25.89 -28.14 3.41
C TRP A 335 27.03 -27.16 3.22
N GLN A 336 28.22 -27.71 3.16
CA GLN A 336 29.37 -26.92 2.74
C GLN A 336 30.22 -27.78 1.81
N PHE A 337 30.53 -27.25 0.64
CA PHE A 337 31.47 -27.95 -0.20
C PHE A 337 32.67 -27.06 -0.50
N ASP A 338 33.72 -27.68 -1.00
CA ASP A 338 34.77 -26.92 -1.66
C ASP A 338 34.20 -26.27 -2.93
N ALA A 339 34.31 -24.98 -3.19
CA ALA A 339 33.59 -24.40 -4.34
C ALA A 339 33.93 -24.94 -5.73
N GLU A 340 35.26 -25.08 -5.82
CA GLU A 340 36.03 -25.53 -6.97
C GLU A 340 36.00 -27.01 -7.21
N THR A 341 36.25 -27.81 -6.19
CA THR A 341 36.25 -29.25 -6.47
C THR A 341 34.95 -29.99 -6.12
N GLY A 342 34.12 -29.38 -5.27
CA GLY A 342 32.96 -30.05 -4.72
C GLY A 342 33.31 -31.09 -3.66
N GLU A 343 34.54 -31.09 -3.16
CA GLU A 343 34.86 -31.95 -2.04
C GLU A 343 33.86 -31.62 -0.94
N PHE A 344 33.21 -32.68 -0.43
CA PHE A 344 32.26 -32.56 0.64
C PHE A 344 32.92 -32.23 1.98
N LEU A 345 32.37 -31.25 2.70
CA LEU A 345 32.98 -30.79 3.95
C LEU A 345 32.12 -31.15 5.15
N TRP A 346 30.90 -30.63 5.20
CA TRP A 346 29.93 -31.06 6.20
C TRP A 346 28.48 -30.87 5.78
N ALA A 347 27.60 -31.53 6.53
CA ALA A 347 26.17 -31.44 6.32
C ALA A 347 25.48 -31.51 7.66
N ARG A 348 24.35 -30.83 7.79
CA ARG A 348 23.78 -30.60 9.10
C ARG A 348 22.32 -30.18 8.97
N ASP A 349 21.49 -30.65 9.90
CA ASP A 349 20.07 -30.32 9.89
C ASP A 349 19.85 -28.90 10.42
N THR A 350 18.78 -28.27 9.98
CA THR A 350 18.30 -27.04 10.62
C THR A 350 16.95 -27.35 11.26
N ASN A 351 15.85 -27.16 10.53
CA ASN A 351 14.57 -27.62 11.03
C ASN A 351 14.60 -29.12 11.31
N TYR A 352 13.77 -29.55 12.26
CA TYR A 352 13.61 -30.97 12.49
C TYR A 352 13.14 -31.57 11.18
N GLN A 353 13.75 -32.68 10.77
CA GLN A 353 13.27 -33.46 9.61
C GLN A 353 13.43 -34.95 9.83
N ASN A 354 12.69 -35.75 9.06
CA ASN A 354 12.90 -37.19 9.10
C ASN A 354 12.88 -37.90 7.75
N MET A 355 13.15 -37.16 6.68
CA MET A 355 13.33 -37.78 5.36
C MET A 355 14.71 -38.39 5.18
N ILE A 356 15.66 -37.92 5.97
CA ILE A 356 17.05 -38.30 5.81
C ILE A 356 17.50 -39.10 7.01
N GLU A 357 17.85 -40.37 6.75
CA GLU A 357 18.30 -41.28 7.79
C GLU A 357 19.76 -40.98 8.16
N SER A 358 20.59 -40.78 7.15
CA SER A 358 21.97 -40.39 7.39
C SER A 358 22.69 -39.89 6.15
N ILE A 359 23.84 -39.28 6.39
CA ILE A 359 24.74 -38.83 5.35
C ILE A 359 26.14 -39.36 5.71
N ASP A 360 26.82 -40.01 4.76
CA ASP A 360 28.14 -40.58 5.10
C ASP A 360 29.31 -39.58 5.08
N GLU A 361 30.53 -40.10 5.17
CA GLU A 361 31.72 -39.25 5.22
C GLU A 361 32.03 -38.54 3.91
N ASN A 362 31.40 -38.97 2.82
CA ASN A 362 31.62 -38.30 1.55
C ASN A 362 30.41 -37.50 1.11
N GLY A 363 29.44 -37.36 2.02
CA GLY A 363 28.25 -36.60 1.75
C GLY A 363 27.21 -37.34 0.93
N ILE A 364 27.31 -38.66 0.86
CA ILE A 364 26.25 -39.42 0.21
C ILE A 364 25.09 -39.53 1.18
N VAL A 365 23.90 -39.20 0.70
CA VAL A 365 22.72 -39.18 1.56
C VAL A 365 22.01 -40.51 1.52
N THR A 366 21.63 -40.99 2.70
CA THR A 366 20.71 -42.12 2.78
C THR A 366 19.34 -41.65 3.27
N VAL A 367 18.36 -41.80 2.39
CA VAL A 367 16.99 -41.40 2.68
C VAL A 367 16.31 -42.40 3.63
N ASN A 368 15.42 -41.88 4.47
CA ASN A 368 14.61 -42.73 5.35
C ASN A 368 13.50 -43.45 4.57
N GLU A 369 13.70 -44.73 4.29
CA GLU A 369 12.76 -45.47 3.45
C GLU A 369 11.38 -45.62 4.09
N ASP A 370 11.31 -45.42 5.41
CA ASP A 370 10.05 -45.44 6.14
C ASP A 370 9.03 -44.45 5.56
N ALA A 371 9.46 -43.21 5.37
CA ALA A 371 8.58 -42.16 4.85
C ALA A 371 8.27 -42.33 3.36
N ILE A 372 9.25 -42.82 2.61
CA ILE A 372 9.11 -43.01 1.15
C ILE A 372 8.17 -44.16 0.81
N GLU A 379 4.47 -43.28 13.59
CA GLU A 379 4.27 -43.86 12.27
C GLU A 379 2.96 -43.39 11.64
N TYR A 380 3.03 -42.48 10.67
CA TYR A 380 4.30 -41.90 10.21
C TYR A 380 4.18 -40.39 10.00
N ASP A 381 4.86 -39.62 10.83
CA ASP A 381 4.82 -38.16 10.74
C ASP A 381 5.96 -37.58 9.91
N VAL A 382 5.73 -37.42 8.60
CA VAL A 382 6.77 -36.87 7.72
C VAL A 382 7.08 -35.39 7.98
N CYS A 383 8.33 -35.11 8.33
CA CYS A 383 8.83 -33.75 8.50
C CYS A 383 10.04 -33.52 7.59
N PRO A 384 10.11 -32.34 6.94
CA PRO A 384 9.14 -31.26 7.03
C PRO A 384 8.09 -31.37 5.91
N THR A 385 7.65 -30.25 5.37
CA THR A 385 6.60 -30.29 4.36
C THR A 385 7.13 -29.98 2.98
N PHE A 386 6.21 -29.87 2.05
CA PHE A 386 6.48 -29.57 0.66
C PHE A 386 6.60 -28.05 0.49
N LEU A 387 6.36 -27.34 1.58
CA LEU A 387 6.59 -25.90 1.66
C LEU A 387 7.77 -25.71 2.58
N GLY A 388 8.33 -26.85 2.97
CA GLY A 388 9.61 -26.93 3.62
C GLY A 388 9.69 -26.63 5.09
N GLY A 389 10.92 -26.77 5.58
CA GLY A 389 11.41 -25.93 6.63
C GLY A 389 11.74 -24.69 5.84
N ARG A 390 12.52 -24.84 4.77
CA ARG A 390 12.80 -23.70 3.88
C ARG A 390 12.09 -23.88 2.54
N ASP A 391 11.96 -22.79 1.80
CA ASP A 391 11.46 -22.82 0.44
C ASP A 391 12.28 -21.75 -0.31
N TRP A 392 11.73 -21.21 -1.38
CA TRP A 392 12.40 -20.14 -2.12
C TRP A 392 12.85 -18.90 -1.29
N PRO A 393 12.08 -18.48 -0.26
CA PRO A 393 12.55 -17.26 0.45
C PRO A 393 13.98 -17.38 0.97
N SER A 394 14.86 -16.46 0.54
CA SER A 394 16.30 -16.67 0.62
C SER A 394 16.94 -16.43 1.97
N ALA A 395 17.97 -17.21 2.25
CA ALA A 395 18.84 -16.95 3.38
C ALA A 395 19.80 -15.80 3.03
N ALA A 396 20.35 -15.17 4.06
CA ALA A 396 21.37 -14.16 3.87
C ALA A 396 22.62 -14.58 4.61
N LEU A 397 23.77 -14.04 4.17
CA LEU A 397 25.05 -14.25 4.84
C LEU A 397 25.70 -12.91 5.14
N ASN A 398 26.11 -12.70 6.39
CA ASN A 398 27.00 -11.58 6.70
C ASN A 398 28.42 -12.03 6.46
N PRO A 399 29.05 -11.55 5.38
CA PRO A 399 30.41 -11.98 5.05
C PRO A 399 31.45 -11.63 6.11
N ASP A 400 31.21 -10.56 6.88
CA ASP A 400 32.21 -10.05 7.82
C ASP A 400 32.31 -10.89 9.10
N SER A 401 31.20 -11.48 9.52
CA SER A 401 31.21 -12.26 10.75
C SER A 401 31.03 -13.73 10.43
N GLY A 402 30.74 -14.01 9.16
CA GLY A 402 30.49 -15.38 8.72
C GLY A 402 29.25 -16.04 9.29
N ILE A 403 28.23 -15.24 9.60
CA ILE A 403 26.93 -15.79 9.99
C ILE A 403 25.94 -15.88 8.83
N TYR A 404 25.33 -17.05 8.72
CA TYR A 404 24.31 -17.37 7.74
C TYR A 404 22.96 -17.26 8.42
N PHE A 405 22.01 -16.59 7.79
CA PHE A 405 20.68 -16.42 8.38
C PHE A 405 19.64 -17.02 7.48
N ILE A 406 18.95 -18.05 7.96
CA ILE A 406 17.96 -18.73 7.12
C ILE A 406 16.54 -18.65 7.67
N PRO A 407 15.61 -18.12 6.87
CA PRO A 407 14.22 -18.12 7.31
C PRO A 407 13.63 -19.51 7.10
N LEU A 408 13.04 -20.04 8.16
CA LEU A 408 12.49 -21.38 8.15
C LEU A 408 11.04 -21.41 8.60
N ASN A 409 10.46 -22.61 8.59
CA ASN A 409 9.14 -22.88 9.13
C ASN A 409 9.08 -24.28 9.77
N ASN A 410 8.76 -24.31 11.07
CA ASN A 410 8.58 -25.56 11.79
C ASN A 410 7.27 -26.17 11.41
N VAL A 411 7.28 -27.14 10.50
CA VAL A 411 6.02 -27.74 10.08
C VAL A 411 6.22 -29.19 9.60
N CYS A 412 5.20 -30.02 9.78
CA CYS A 412 5.24 -31.43 9.40
C CYS A 412 3.99 -31.80 8.63
N TYR A 413 4.04 -32.90 7.87
CA TYR A 413 2.85 -33.48 7.25
C TYR A 413 1.98 -34.12 8.29
N ASP A 414 1.03 -34.93 7.85
CA ASP A 414 0.07 -35.54 8.73
C ASP A 414 -0.76 -36.61 8.01
N MET A 415 -1.01 -37.73 8.67
CA MET A 415 -1.94 -38.72 8.14
C MET A 415 -3.38 -38.27 8.35
N MET A 416 -3.98 -37.67 7.32
CA MET A 416 -5.35 -37.18 7.35
C MET A 416 -5.83 -36.81 5.95
N ASN A 429 -7.29 -23.15 11.61
CA ASN A 429 -8.62 -22.89 12.17
C ASN A 429 -9.64 -23.94 11.70
N THR A 430 -9.88 -24.01 10.39
CA THR A 430 -10.78 -25.01 9.82
C THR A 430 -10.09 -26.37 9.66
N SER A 431 -9.33 -26.53 8.57
CA SER A 431 -8.57 -27.76 8.27
C SER A 431 -7.57 -27.61 7.08
N ASN A 432 -6.39 -28.22 7.21
CA ASN A 432 -5.42 -28.33 6.11
C ASN A 432 -4.46 -29.52 6.34
N VAL A 433 -3.54 -29.75 5.40
CA VAL A 433 -2.71 -30.97 5.41
C VAL A 433 -1.59 -30.99 6.44
N THR A 434 -1.29 -29.84 7.04
CA THR A 434 -0.09 -29.75 7.88
C THR A 434 -0.33 -29.68 9.39
N LYS A 435 0.77 -29.76 10.13
CA LYS A 435 0.75 -29.86 11.59
C LYS A 435 2.12 -29.44 12.13
N LEU A 436 2.21 -29.14 13.43
CA LEU A 436 3.47 -28.74 14.04
C LEU A 436 4.34 -29.94 14.45
N PRO A 437 5.68 -29.82 14.31
CA PRO A 437 6.55 -30.88 14.81
C PRO A 437 6.51 -31.02 16.34
N PRO A 438 6.81 -32.22 16.86
CA PRO A 438 6.86 -32.55 18.29
C PRO A 438 7.51 -31.48 19.15
N GLY A 439 6.79 -31.04 20.19
CA GLY A 439 7.34 -30.09 21.15
C GLY A 439 7.60 -28.72 20.58
N LYS A 440 7.06 -28.43 19.40
CA LYS A 440 7.26 -27.12 18.80
C LYS A 440 6.01 -26.25 18.87
N ASP A 441 6.22 -25.03 19.32
CA ASP A 441 5.15 -24.07 19.59
C ASP A 441 4.81 -23.25 18.37
N MET A 442 5.81 -22.62 17.79
CA MET A 442 5.61 -21.59 16.78
C MET A 442 6.07 -22.04 15.41
N ILE A 443 5.50 -21.47 14.35
CA ILE A 443 5.86 -21.91 13.00
C ILE A 443 7.01 -21.14 12.37
N GLY A 444 6.90 -19.81 12.35
CA GLY A 444 7.92 -18.99 11.73
C GLY A 444 9.19 -19.06 12.52
N ARG A 445 10.34 -19.07 11.83
CA ARG A 445 11.63 -19.25 12.50
C ARG A 445 12.76 -18.63 11.67
N ILE A 446 13.74 -18.05 12.33
CA ILE A 446 14.98 -17.70 11.66
C ILE A 446 16.15 -18.31 12.44
N ASP A 447 17.06 -18.98 11.71
CA ASP A 447 18.27 -19.56 12.31
C ASP A 447 19.53 -18.83 11.88
N ALA A 448 20.37 -18.50 12.85
CA ALA A 448 21.64 -17.82 12.59
C ALA A 448 22.75 -18.82 12.79
N ILE A 449 23.46 -19.15 11.72
CA ILE A 449 24.50 -20.19 11.81
C ILE A 449 25.90 -19.73 11.37
N ASP A 450 26.89 -20.04 12.20
CA ASP A 450 28.30 -19.76 11.92
C ASP A 450 28.80 -20.68 10.78
N ILE A 451 29.14 -20.11 9.63
CA ILE A 451 29.57 -20.95 8.50
C ILE A 451 30.97 -21.55 8.64
N SER A 452 31.76 -21.02 9.58
CA SER A 452 33.04 -21.62 9.96
C SER A 452 32.94 -22.88 10.85
N THR A 453 32.07 -22.87 11.85
CA THR A 453 32.01 -24.02 12.77
C THR A 453 30.75 -24.84 12.62
N GLY A 454 29.73 -24.25 12.01
CA GLY A 454 28.44 -24.91 11.84
C GLY A 454 27.55 -24.80 13.06
N ARG A 455 28.01 -24.07 14.07
CA ARG A 455 27.30 -23.96 15.35
C ARG A 455 26.20 -22.90 15.32
N THR A 456 25.02 -23.25 15.80
CA THR A 456 23.92 -22.29 15.81
C THR A 456 24.28 -21.14 16.73
N LEU A 457 24.25 -19.92 16.23
CA LEU A 457 24.52 -18.75 17.03
C LEU A 457 23.28 -18.42 17.86
N TRP A 458 22.13 -18.44 17.18
CA TRP A 458 20.85 -18.27 17.83
C TRP A 458 19.72 -18.71 16.90
N SER A 459 18.54 -18.89 17.46
CA SER A 459 17.40 -19.35 16.67
C SER A 459 16.14 -18.75 17.27
N VAL A 460 15.42 -17.96 16.48
CA VAL A 460 14.27 -17.23 17.02
C VAL A 460 12.96 -17.56 16.29
N GLU A 461 11.86 -17.58 17.03
CA GLU A 461 10.60 -18.03 16.45
C GLU A 461 9.48 -17.03 16.73
N ARG A 462 8.46 -17.08 15.89
CA ARG A 462 7.17 -16.45 16.18
C ARG A 462 6.07 -17.40 15.72
N ALA A 463 4.89 -17.26 16.30
CA ALA A 463 3.75 -18.11 15.98
C ALA A 463 3.45 -18.18 14.48
N ALA A 464 3.18 -17.04 13.86
CA ALA A 464 2.82 -17.02 12.43
C ALA A 464 3.94 -17.58 11.52
N ALA A 465 3.56 -18.21 10.41
CA ALA A 465 4.56 -18.70 9.47
C ALA A 465 5.39 -17.54 8.94
N ASN A 466 6.64 -17.84 8.59
CA ASN A 466 7.55 -16.81 8.12
C ASN A 466 7.39 -16.67 6.61
N TYR A 467 8.12 -17.52 5.88
CA TYR A 467 7.99 -17.65 4.43
C TYR A 467 8.30 -16.34 3.72
N SER A 468 9.25 -15.61 4.30
CA SER A 468 9.75 -14.39 3.70
C SER A 468 11.27 -14.36 3.76
N PRO A 469 11.92 -13.78 2.73
CA PRO A 469 13.38 -13.67 2.74
C PRO A 469 13.94 -12.85 3.91
N VAL A 470 15.24 -12.94 4.08
CA VAL A 470 15.91 -12.08 5.04
C VAL A 470 17.01 -11.30 4.33
N LEU A 471 17.34 -10.16 4.90
CA LEU A 471 18.35 -9.28 4.35
C LEU A 471 19.28 -8.97 5.48
N SER A 472 20.57 -9.23 5.26
CA SER A 472 21.61 -8.82 6.19
C SER A 472 22.15 -7.44 5.80
N THR A 473 22.49 -6.61 6.79
CA THR A 473 23.20 -5.36 6.50
C THR A 473 24.49 -5.18 7.31
N GLY A 474 25.29 -4.20 6.90
CA GLY A 474 26.57 -3.95 7.53
C GLY A 474 26.43 -3.39 8.93
N GLY A 475 25.23 -2.94 9.29
CA GLY A 475 25.00 -2.39 10.61
C GLY A 475 24.57 -3.42 11.64
N GLY A 476 24.76 -4.69 11.33
CA GLY A 476 24.42 -5.77 12.26
C GLY A 476 22.93 -5.88 12.57
N VAL A 477 22.12 -5.66 11.56
CA VAL A 477 20.68 -5.78 11.71
C VAL A 477 20.15 -6.61 10.54
N LEU A 478 19.11 -7.40 10.80
CA LEU A 478 18.61 -8.35 9.84
C LEU A 478 17.13 -8.10 9.62
N PHE A 479 16.74 -7.91 8.36
CA PHE A 479 15.34 -7.66 8.04
C PHE A 479 14.69 -8.91 7.52
N ASN A 480 13.38 -9.02 7.75
CA ASN A 480 12.61 -10.18 7.36
C ASN A 480 11.13 -9.78 7.35
N GLY A 481 10.36 -10.25 6.39
CA GLY A 481 8.93 -9.99 6.40
C GLY A 481 8.16 -11.13 7.02
N GLY A 482 7.06 -11.52 6.39
CA GLY A 482 6.33 -12.66 6.86
C GLY A 482 4.83 -12.68 6.59
N THR A 483 4.32 -13.87 6.74
CA THR A 483 2.94 -14.24 6.51
C THR A 483 1.98 -13.41 7.39
N ASP A 484 2.53 -12.73 8.40
CA ASP A 484 1.72 -11.93 9.32
C ASP A 484 1.71 -10.42 9.00
N ARG A 485 2.22 -10.07 7.82
CA ARG A 485 2.28 -8.70 7.31
C ARG A 485 3.37 -7.86 7.96
N TYR A 486 3.97 -8.37 9.03
CA TYR A 486 5.04 -7.62 9.72
C TYR A 486 6.38 -7.59 8.97
N PHE A 487 6.93 -6.39 8.87
CA PHE A 487 8.29 -6.22 8.38
C PHE A 487 9.14 -5.86 9.60
N ARG A 488 10.09 -6.73 9.92
CA ARG A 488 10.77 -6.72 11.22
C ARG A 488 12.27 -6.59 11.09
N ALA A 489 12.87 -5.91 12.05
CA ALA A 489 14.31 -5.76 12.12
C ALA A 489 14.83 -6.50 13.34
N LEU A 490 15.73 -7.44 13.12
CA LEU A 490 16.29 -8.20 14.22
C LEU A 490 17.76 -7.86 14.40
N SER A 491 18.26 -8.01 15.62
CA SER A 491 19.69 -7.91 15.91
C SER A 491 20.46 -9.15 15.41
N GLN A 492 21.46 -8.94 14.56
CA GLN A 492 22.29 -10.06 14.12
C GLN A 492 23.02 -10.70 15.33
N GLU A 493 23.32 -9.90 16.34
CA GLU A 493 24.01 -10.39 17.53
C GLU A 493 23.15 -11.33 18.36
N THR A 494 21.86 -11.00 18.53
CA THR A 494 20.99 -11.71 19.48
C THR A 494 19.73 -12.35 18.91
N GLY A 495 19.21 -11.81 17.80
CA GLY A 495 17.94 -12.27 17.26
C GLY A 495 16.75 -11.48 17.81
N GLU A 496 17.01 -10.61 18.78
CA GLU A 496 15.98 -9.77 19.35
C GLU A 496 15.35 -8.87 18.28
N THR A 497 14.05 -8.68 18.36
CA THR A 497 13.39 -7.76 17.46
C THR A 497 13.59 -6.33 17.94
N LEU A 498 14.16 -5.49 17.08
CA LEU A 498 14.50 -4.12 17.43
C LEU A 498 13.48 -3.12 16.86
N TRP A 499 12.72 -3.57 15.85
CA TRP A 499 11.82 -2.70 15.09
C TRP A 499 10.86 -3.51 14.25
N GLN A 500 9.63 -3.03 14.16
CA GLN A 500 8.72 -3.62 13.19
C GLN A 500 7.79 -2.59 12.61
N THR A 501 7.31 -2.85 11.40
CA THR A 501 6.18 -2.13 10.85
C THR A 501 5.21 -3.18 10.35
N ARG A 502 4.07 -2.78 9.84
CA ARG A 502 3.17 -3.78 9.26
C ARG A 502 2.60 -3.34 7.91
N LEU A 503 2.86 -4.16 6.89
CA LEU A 503 2.46 -3.85 5.53
C LEU A 503 0.98 -4.16 5.22
N ALA A 504 0.48 -3.63 4.10
CA ALA A 504 -0.92 -3.81 3.74
C ALA A 504 -1.20 -5.27 3.49
N THR A 505 -0.18 -6.00 3.06
CA THR A 505 -0.34 -7.39 2.71
C THR A 505 0.71 -8.22 3.40
N VAL A 506 0.69 -9.52 3.14
CA VAL A 506 1.80 -10.40 3.51
C VAL A 506 3.11 -9.74 3.07
N ALA A 507 4.12 -9.80 3.93
CA ALA A 507 5.40 -9.20 3.60
C ALA A 507 6.22 -10.29 2.88
N SER A 508 5.87 -10.50 1.63
CA SER A 508 6.23 -11.71 0.90
C SER A 508 7.56 -11.64 0.15
N GLY A 509 8.01 -10.43 -0.18
CA GLY A 509 9.16 -10.27 -1.05
C GLY A 509 10.51 -10.06 -0.37
N GLN A 510 11.58 -9.98 -1.18
CA GLN A 510 12.94 -9.79 -0.68
C GLN A 510 13.26 -8.35 -0.28
N ALA A 511 13.64 -8.13 0.98
CA ALA A 511 14.08 -6.81 1.38
C ALA A 511 15.44 -6.55 0.77
N ILE A 512 15.68 -5.32 0.35
CA ILE A 512 17.00 -4.92 -0.11
C ILE A 512 17.39 -3.62 0.59
N SER A 513 18.62 -3.15 0.37
CA SER A 513 19.04 -1.85 0.88
C SER A 513 19.94 -1.13 -0.12
N TYR A 514 19.81 0.19 -0.21
CA TYR A 514 20.64 0.95 -1.14
C TYR A 514 20.80 2.36 -0.63
N GLU A 515 21.53 3.17 -1.39
CA GLU A 515 21.87 4.52 -0.97
C GLU A 515 21.61 5.55 -2.07
N VAL A 516 20.98 6.67 -1.72
CA VAL A 516 20.85 7.78 -2.63
C VAL A 516 21.12 9.07 -1.88
N ASP A 517 22.22 9.74 -2.24
CA ASP A 517 22.62 11.02 -1.64
C ASP A 517 22.96 10.89 -0.16
N GLY A 518 23.61 9.79 0.22
CA GLY A 518 24.05 9.62 1.58
C GLY A 518 23.02 8.97 2.49
N MET A 519 21.77 8.88 2.06
CA MET A 519 20.76 8.20 2.87
C MET A 519 20.68 6.72 2.52
N GLN A 520 20.76 5.87 3.54
CA GLN A 520 20.45 4.47 3.35
C GLN A 520 18.95 4.22 3.30
N TYR A 521 18.53 3.45 2.32
CA TYR A 521 17.14 3.06 2.17
C TYR A 521 16.97 1.56 2.33
N VAL A 522 15.82 1.15 2.83
CA VAL A 522 15.50 -0.26 2.96
C VAL A 522 14.15 -0.43 2.28
N ALA A 523 14.07 -1.36 1.33
CA ALA A 523 12.83 -1.55 0.57
C ALA A 523 12.38 -3.01 0.52
N ILE A 524 11.07 -3.21 0.41
CA ILE A 524 10.50 -4.55 0.32
C ILE A 524 9.08 -4.45 -0.20
N ALA A 525 8.66 -5.48 -0.94
CA ALA A 525 7.29 -5.65 -1.45
C ALA A 525 6.78 -6.98 -0.88
N GLY A 526 5.48 -7.25 -0.81
CA GLY A 526 4.44 -6.47 -1.42
C GLY A 526 3.10 -7.16 -1.52
N GLY A 527 3.02 -8.50 -1.46
CA GLY A 527 1.69 -9.12 -1.38
C GLY A 527 1.24 -10.32 -2.20
N GLY A 528 -0.07 -10.39 -2.40
CA GLY A 528 -0.71 -11.53 -3.05
C GLY A 528 -1.01 -12.71 -2.13
N VAL A 529 -1.48 -13.81 -2.73
CA VAL A 529 -1.68 -15.06 -2.01
C VAL A 529 -0.41 -15.89 -1.88
N SER A 530 -0.01 -16.17 -0.65
CA SER A 530 1.24 -16.89 -0.37
C SER A 530 0.97 -18.33 0.06
N TYR A 531 1.66 -19.29 -0.56
CA TYR A 531 1.53 -20.71 -0.19
C TYR A 531 1.82 -20.92 1.30
N GLY A 532 2.77 -20.16 1.82
CA GLY A 532 3.09 -20.24 3.23
C GLY A 532 2.05 -19.67 4.20
N SER A 533 1.07 -18.92 3.72
CA SER A 533 0.09 -18.43 4.68
C SER A 533 -0.89 -19.56 5.01
N GLY A 534 -0.96 -20.54 4.12
CA GLY A 534 -1.73 -21.75 4.35
C GLY A 534 -1.14 -22.66 5.41
N LEU A 535 0.10 -22.37 5.78
CA LEU A 535 0.78 -23.07 6.86
C LEU A 535 0.16 -22.71 8.22
N ASN A 536 -0.56 -21.59 8.28
CA ASN A 536 -1.15 -21.15 9.54
C ASN A 536 -2.31 -21.99 10.06
N SER A 537 -2.75 -22.96 9.28
CA SER A 537 -3.80 -23.90 9.70
C SER A 537 -3.34 -24.72 10.91
N ALA A 538 -2.04 -24.96 11.00
CA ALA A 538 -1.47 -25.70 12.12
C ALA A 538 -1.42 -24.87 13.42
N LEU A 539 -1.73 -23.58 13.32
CA LEU A 539 -1.82 -22.76 14.53
C LEU A 539 -3.18 -22.94 15.18
N ALA A 540 -3.16 -23.40 16.44
CA ALA A 540 -4.42 -23.67 17.14
C ALA A 540 -4.94 -22.50 17.99
N GLY A 541 -4.07 -21.53 18.29
CA GLY A 541 -4.44 -20.45 19.20
C GLY A 541 -4.76 -19.09 18.58
N GLU A 542 -4.57 -18.96 17.27
CA GLU A 542 -4.76 -17.66 16.62
C GLU A 542 -4.87 -17.81 15.11
N ARG A 543 -5.77 -17.03 14.53
CA ARG A 543 -5.83 -16.87 13.09
C ARG A 543 -4.78 -15.80 12.72
N VAL A 544 -4.25 -15.87 11.51
CA VAL A 544 -3.23 -14.92 11.07
C VAL A 544 -3.78 -14.10 9.90
N ASP A 545 -3.83 -12.78 10.07
CA ASP A 545 -4.47 -11.93 9.08
C ASP A 545 -3.56 -11.70 7.85
N SER A 546 -3.54 -12.67 6.94
CA SER A 546 -2.66 -12.68 5.77
C SER A 546 -3.22 -11.98 4.56
N THR A 547 -3.53 -10.70 4.71
CA THR A 547 -4.16 -9.93 3.65
C THR A 547 -3.42 -10.09 2.31
N ALA A 548 -4.15 -10.44 1.26
CA ALA A 548 -3.55 -10.70 -0.05
C ALA A 548 -3.71 -9.56 -1.05
N ILE A 549 -4.73 -8.72 -0.86
CA ILE A 549 -4.90 -7.56 -1.73
C ILE A 549 -4.27 -6.28 -1.16
N GLY A 550 -3.89 -5.36 -2.05
CA GLY A 550 -3.16 -4.17 -1.67
C GLY A 550 -1.66 -4.22 -1.95
N ASN A 551 -1.25 -4.94 -2.99
CA ASN A 551 0.15 -5.03 -3.37
C ASN A 551 0.84 -3.68 -3.47
N ALA A 552 2.08 -3.61 -2.97
CA ALA A 552 2.88 -2.40 -3.02
C ALA A 552 4.34 -2.67 -2.68
N VAL A 553 5.26 -1.84 -3.17
CA VAL A 553 6.62 -1.81 -2.66
C VAL A 553 6.72 -0.65 -1.66
N TYR A 554 7.57 -0.83 -0.64
CA TYR A 554 7.68 0.09 0.48
C TYR A 554 9.13 0.42 0.70
N VAL A 555 9.42 1.68 1.03
CA VAL A 555 10.80 2.12 1.20
C VAL A 555 10.93 2.86 2.51
N PHE A 556 11.88 2.43 3.33
CA PHE A 556 12.05 3.01 4.65
C PHE A 556 13.42 3.72 4.80
N ALA A 557 13.51 4.61 5.79
CA ALA A 557 14.75 5.31 6.06
C ALA A 557 14.78 5.93 7.47
N LEU A 558 15.98 6.12 8.00
CA LEU A 558 16.17 6.99 9.16
C LEU A 558 15.60 8.40 8.92
N PRO A 559 15.04 9.03 9.97
CA PRO A 559 14.53 10.40 9.79
C PRO A 559 15.61 11.41 9.37
N GLN A 560 16.79 11.35 10.00
CA GLN A 560 17.95 12.17 9.61
C GLN A 560 17.65 13.65 9.30
N GLN B 3 -11.73 -0.91 30.84
CA GLN B 3 -10.77 -1.84 30.26
C GLN B 3 -11.14 -2.23 28.81
N SER B 4 -11.57 -3.47 28.61
CA SER B 4 -11.96 -3.96 27.27
C SER B 4 -13.47 -3.89 27.02
N ALA B 5 -14.20 -3.28 27.97
CA ALA B 5 -15.65 -3.11 27.83
C ALA B 5 -15.97 -2.36 26.54
N GLN B 6 -16.82 -2.97 25.72
CA GLN B 6 -17.18 -2.45 24.41
C GLN B 6 -18.48 -1.67 24.51
N THR B 7 -18.38 -0.37 24.77
CA THR B 7 -19.52 0.41 25.21
C THR B 7 -20.52 0.83 24.11
N ALA B 8 -21.79 0.86 24.50
CA ALA B 8 -22.86 1.40 23.67
C ALA B 8 -22.69 2.90 23.42
N ILE B 9 -23.09 3.35 22.25
CA ILE B 9 -22.97 4.74 21.90
C ILE B 9 -24.33 5.41 22.02
N THR B 10 -24.41 6.43 22.85
CA THR B 10 -25.66 7.11 23.10
C THR B 10 -25.56 8.49 22.46
N ASP B 11 -26.68 9.12 22.15
CA ASP B 11 -26.65 10.57 21.93
C ASP B 11 -26.20 11.02 23.29
N GLU B 12 -25.24 11.94 23.31
CA GLU B 12 -24.52 12.41 24.52
C GLU B 12 -23.06 12.03 24.46
N MET B 13 -22.79 10.74 24.27
CA MET B 13 -21.45 10.34 23.82
C MET B 13 -21.22 10.93 22.43
N LEU B 14 -22.23 10.85 21.58
CA LEU B 14 -22.17 11.50 20.27
C LEU B 14 -21.99 13.02 20.37
N ALA B 15 -22.68 13.64 21.33
CA ALA B 15 -22.61 15.10 21.53
C ALA B 15 -21.34 15.55 22.26
N ASN B 16 -20.74 14.63 23.01
CA ASN B 16 -19.58 14.92 23.82
C ASN B 16 -18.53 13.82 23.74
N PRO B 17 -17.96 13.62 22.56
CA PRO B 17 -17.02 12.51 22.33
C PRO B 17 -15.77 12.61 23.20
N PRO B 18 -15.27 11.48 23.68
CA PRO B 18 -13.93 11.56 24.28
C PRO B 18 -12.89 11.90 23.20
N ALA B 19 -11.80 12.57 23.57
CA ALA B 19 -10.80 13.03 22.61
C ALA B 19 -10.20 11.87 21.82
N GLY B 20 -10.13 10.71 22.47
CA GLY B 20 -9.44 9.57 21.88
C GLY B 20 -10.23 8.83 20.82
N GLU B 21 -11.47 9.23 20.62
CA GLU B 21 -12.35 8.52 19.74
C GLU B 21 -12.65 9.34 18.50
N TRP B 22 -13.11 8.66 17.46
CA TRP B 22 -13.63 9.31 16.27
C TRP B 22 -14.93 8.58 15.92
N ILE B 23 -16.03 9.05 16.50
CA ILE B 23 -17.29 8.33 16.42
C ILE B 23 -18.37 9.09 15.67
N SER B 24 -18.04 10.29 15.23
CA SER B 24 -18.90 11.04 14.30
C SER B 24 -18.05 11.30 13.06
N TYR B 25 -18.64 11.23 11.88
CA TYR B 25 -17.95 11.51 10.62
C TYR B 25 -16.82 12.55 10.77
N GLY B 26 -17.12 13.68 11.40
CA GLY B 26 -16.14 14.74 11.60
C GLY B 26 -15.68 14.81 13.05
N GLN B 27 -15.52 13.66 13.67
CA GLN B 27 -15.10 13.55 15.09
C GLN B 27 -16.09 14.14 16.11
N ASN B 28 -16.57 15.35 15.84
CA ASN B 28 -17.70 15.87 16.61
C ASN B 28 -18.87 16.07 15.68
N GLN B 29 -20.07 15.98 16.24
CA GLN B 29 -21.30 16.19 15.48
C GLN B 29 -21.33 17.51 14.70
N GLU B 30 -20.70 18.55 15.23
CA GLU B 30 -20.63 19.85 14.56
C GLU B 30 -19.64 19.89 13.39
N ASN B 31 -18.95 18.76 13.15
CA ASN B 31 -18.15 18.55 11.94
C ASN B 31 -16.85 19.34 11.81
N TYR B 32 -16.10 19.46 12.91
CA TYR B 32 -14.85 20.24 12.89
C TYR B 32 -13.70 19.46 12.30
N ARG B 33 -13.76 18.13 12.44
CA ARG B 33 -12.70 17.27 11.96
C ARG B 33 -11.42 17.60 12.71
N HIS B 34 -11.57 17.87 13.98
CA HIS B 34 -10.44 18.24 14.81
C HIS B 34 -10.21 17.21 15.91
N SER B 35 -9.04 16.57 15.93
CA SER B 35 -8.74 15.72 17.07
C SER B 35 -8.07 16.55 18.15
N PRO B 36 -8.67 16.60 19.35
CA PRO B 36 -8.09 17.38 20.44
C PRO B 36 -6.83 16.76 21.06
N LEU B 37 -6.41 15.59 20.58
CA LEU B 37 -5.19 14.93 21.10
C LEU B 37 -3.92 15.75 20.84
N THR B 38 -2.92 15.58 21.71
CA THR B 38 -1.78 16.50 21.73
C THR B 38 -0.42 15.83 21.72
N GLN B 39 -0.38 14.52 21.93
CA GLN B 39 0.86 13.76 21.90
C GLN B 39 1.71 14.06 20.65
N ILE B 40 1.05 14.15 19.50
CA ILE B 40 1.70 14.58 18.26
C ILE B 40 1.69 16.11 18.12
N THR B 41 2.89 16.71 18.06
CA THR B 41 3.05 18.17 18.00
C THR B 41 3.85 18.63 16.78
N THR B 42 3.86 19.94 16.55
CA THR B 42 4.66 20.50 15.46
C THR B 42 6.15 20.19 15.62
N GLU B 43 6.56 19.85 16.84
CA GLU B 43 7.97 19.56 17.15
C GLU B 43 8.38 18.13 16.88
N ASN B 44 7.46 17.19 16.97
CA ASN B 44 7.86 15.79 16.85
C ASN B 44 7.18 15.07 15.71
N VAL B 45 6.24 15.73 15.05
CA VAL B 45 5.52 15.06 13.98
C VAL B 45 6.49 14.51 12.91
N GLY B 46 7.63 15.18 12.74
CA GLY B 46 8.69 14.69 11.87
C GLY B 46 9.19 13.28 12.18
N GLN B 47 8.81 12.72 13.33
CA GLN B 47 9.31 11.41 13.76
C GLN B 47 8.36 10.28 13.43
N LEU B 48 7.16 10.64 12.96
CA LEU B 48 6.08 9.69 12.68
C LEU B 48 6.50 8.43 11.91
N GLN B 49 6.12 7.26 12.43
CA GLN B 49 6.46 5.96 11.81
C GLN B 49 5.19 5.26 11.35
N LEU B 50 5.32 4.42 10.33
CA LEU B 50 4.22 3.55 9.95
C LEU B 50 4.04 2.48 11.00
N VAL B 51 2.88 2.42 11.64
CA VAL B 51 2.62 1.36 12.62
C VAL B 51 2.04 0.14 11.93
N TRP B 52 0.95 0.35 11.20
CA TRP B 52 0.38 -0.71 10.41
C TRP B 52 -0.39 -0.18 9.22
N ALA B 53 -0.47 -1.02 8.18
CA ALA B 53 -1.32 -0.79 7.02
C ALA B 53 -2.19 -2.00 6.78
N ARG B 54 -3.20 -1.86 5.93
CA ARG B 54 -3.97 -3.04 5.53
C ARG B 54 -4.63 -2.81 4.17
N GLY B 55 -4.54 -3.83 3.32
CA GLY B 55 -5.09 -3.75 1.98
C GLY B 55 -6.59 -3.60 1.97
N MET B 56 -7.08 -2.69 1.13
CA MET B 56 -8.52 -2.44 0.96
C MET B 56 -8.96 -2.93 -0.43
N GLN B 57 -10.27 -3.08 -0.64
CA GLN B 57 -10.82 -3.41 -1.95
C GLN B 57 -10.54 -2.30 -2.97
N PRO B 58 -10.31 -2.69 -4.23
CA PRO B 58 -10.12 -1.75 -5.35
C PRO B 58 -11.34 -0.88 -5.66
N GLY B 59 -11.07 0.26 -6.27
CA GLY B 59 -12.10 1.27 -6.46
C GLY B 59 -11.65 2.51 -5.75
N LYS B 60 -12.46 3.55 -5.78
CA LYS B 60 -12.02 4.82 -5.27
C LYS B 60 -12.23 4.96 -3.75
N VAL B 61 -11.21 5.46 -3.07
CA VAL B 61 -11.24 5.54 -1.62
C VAL B 61 -11.45 7.00 -1.15
N GLN B 62 -12.59 7.24 -0.54
CA GLN B 62 -12.95 8.57 -0.11
C GLN B 62 -13.40 8.51 1.35
N VAL B 63 -12.93 7.48 2.04
CA VAL B 63 -13.55 7.02 3.28
C VAL B 63 -13.00 7.73 4.52
N THR B 64 -13.87 7.89 5.51
CA THR B 64 -13.46 8.32 6.82
C THR B 64 -13.73 7.15 7.71
N PRO B 65 -12.68 6.58 8.29
CA PRO B 65 -12.90 5.48 9.20
C PRO B 65 -13.50 6.01 10.48
N LEU B 66 -14.26 5.20 11.22
CA LEU B 66 -14.67 5.53 12.59
C LEU B 66 -13.91 4.65 13.55
N ILE B 67 -13.59 5.18 14.73
CA ILE B 67 -12.91 4.39 15.77
C ILE B 67 -13.68 4.51 17.06
N HIS B 68 -13.82 3.40 17.76
CA HIS B 68 -14.47 3.37 19.05
C HIS B 68 -13.97 2.14 19.83
N ASP B 69 -13.53 2.34 21.06
CA ASP B 69 -13.09 1.26 21.95
C ASP B 69 -12.11 0.28 21.29
N GLY B 70 -11.13 0.83 20.58
CA GLY B 70 -10.07 0.05 19.98
C GLY B 70 -10.35 -0.52 18.61
N VAL B 71 -11.55 -0.28 18.08
CA VAL B 71 -11.90 -0.85 16.79
C VAL B 71 -12.00 0.21 15.70
N MET B 72 -11.43 -0.06 14.55
CA MET B 72 -11.66 0.77 13.37
C MET B 72 -12.74 0.12 12.52
N TYR B 73 -13.78 0.88 12.24
CA TYR B 73 -14.82 0.43 11.34
C TYR B 73 -14.61 1.18 10.05
N LEU B 74 -14.52 0.44 8.96
CA LEU B 74 -14.00 0.94 7.70
C LEU B 74 -14.81 0.48 6.49
N ALA B 75 -15.37 1.42 5.73
CA ALA B 75 -16.14 1.09 4.52
C ALA B 75 -15.24 0.92 3.28
N ASN B 76 -15.29 -0.25 2.66
CA ASN B 76 -14.55 -0.49 1.43
C ASN B 76 -15.50 -0.36 0.22
N PRO B 77 -14.99 0.07 -0.94
CA PRO B 77 -15.86 0.08 -2.11
C PRO B 77 -16.44 -1.30 -2.40
N GLY B 78 -17.65 -1.35 -2.94
CA GLY B 78 -18.38 -2.60 -3.12
C GLY B 78 -19.14 -3.00 -1.87
N ASP B 79 -19.36 -2.03 -0.99
CA ASP B 79 -19.95 -2.26 0.34
C ASP B 79 -19.38 -3.46 1.10
N VAL B 80 -18.06 -3.53 1.21
CA VAL B 80 -17.42 -4.50 2.09
C VAL B 80 -17.08 -3.75 3.36
N ILE B 81 -17.63 -4.16 4.49
CA ILE B 81 -17.42 -3.41 5.71
C ILE B 81 -16.53 -4.20 6.64
N GLN B 82 -15.52 -3.54 7.18
CA GLN B 82 -14.54 -4.23 8.01
C GLN B 82 -14.45 -3.66 9.42
N ALA B 83 -14.31 -4.54 10.40
CA ALA B 83 -13.87 -4.10 11.71
C ALA B 83 -12.40 -4.50 11.88
N ILE B 84 -11.53 -3.51 12.09
CA ILE B 84 -10.11 -3.77 12.26
C ILE B 84 -9.65 -3.36 13.65
N ASP B 85 -8.78 -4.16 14.28
CA ASP B 85 -8.17 -3.72 15.53
C ASP B 85 -7.38 -2.44 15.28
N ALA B 86 -7.70 -1.39 16.03
CA ALA B 86 -7.22 -0.05 15.69
C ALA B 86 -5.74 0.20 15.96
N LYS B 87 -5.13 -0.64 16.79
CA LYS B 87 -3.72 -0.45 17.13
C LYS B 87 -2.79 -1.39 16.35
N THR B 88 -3.30 -2.53 15.92
CA THR B 88 -2.44 -3.57 15.35
C THR B 88 -2.70 -3.85 13.90
N GLY B 89 -3.91 -3.58 13.44
CA GLY B 89 -4.28 -3.87 12.07
C GLY B 89 -4.83 -5.27 11.85
N ASP B 90 -5.12 -5.99 12.94
CA ASP B 90 -5.73 -7.31 12.84
C ASP B 90 -7.19 -7.16 12.42
N LEU B 91 -7.56 -7.83 11.36
CA LEU B 91 -8.95 -7.88 10.97
C LEU B 91 -9.74 -8.56 12.09
N ILE B 92 -10.90 -7.99 12.42
CA ILE B 92 -11.77 -8.55 13.43
C ILE B 92 -12.95 -9.21 12.73
N TRP B 93 -13.58 -8.48 11.81
CA TRP B 93 -14.62 -9.07 10.96
C TRP B 93 -14.80 -8.32 9.67
N GLU B 94 -15.47 -8.96 8.73
CA GLU B 94 -15.68 -8.40 7.42
C GLU B 94 -17.04 -8.82 6.92
N HIS B 95 -17.86 -7.83 6.59
CA HIS B 95 -19.15 -8.06 5.98
C HIS B 95 -19.10 -7.76 4.48
N ARG B 96 -19.31 -8.79 3.67
CA ARG B 96 -19.42 -8.57 2.24
C ARG B 96 -20.89 -8.68 1.91
N ARG B 97 -21.49 -7.57 1.51
CA ARG B 97 -22.89 -7.54 1.14
C ARG B 97 -23.05 -8.02 -0.30
N GLN B 98 -23.93 -9.00 -0.51
CA GLN B 98 -24.22 -9.47 -1.87
C GLN B 98 -24.90 -8.35 -2.62
N LEU B 99 -24.13 -7.77 -3.56
CA LEU B 99 -24.62 -6.72 -4.43
C LEU B 99 -24.99 -7.34 -5.77
N PRO B 100 -26.11 -6.88 -6.36
CA PRO B 100 -26.65 -7.47 -7.60
C PRO B 100 -25.61 -7.52 -8.70
N ASN B 101 -25.15 -6.33 -9.10
CA ASN B 101 -24.19 -6.20 -10.18
C ASN B 101 -23.75 -4.75 -10.30
N ILE B 102 -22.46 -4.54 -10.48
CA ILE B 102 -21.90 -3.20 -10.66
C ILE B 102 -22.23 -2.70 -12.07
N ALA B 103 -22.51 -1.39 -12.18
CA ALA B 103 -23.03 -0.75 -13.38
C ALA B 103 -24.52 -1.05 -13.58
N THR B 104 -25.19 -1.25 -12.46
CA THR B 104 -26.65 -1.30 -12.39
C THR B 104 -27.01 -0.22 -11.35
N LEU B 105 -26.06 0.00 -10.45
CA LEU B 105 -26.16 0.99 -9.40
C LEU B 105 -25.61 2.33 -9.87
N ASN B 106 -25.90 3.39 -9.13
CA ASN B 106 -25.33 4.71 -9.40
C ASN B 106 -23.79 4.62 -9.33
N SER B 107 -23.11 5.15 -10.35
CA SER B 107 -21.64 5.14 -10.38
C SER B 107 -21.01 6.00 -9.26
N PHE B 108 -21.66 7.12 -8.94
CA PHE B 108 -21.20 8.05 -7.89
C PHE B 108 -21.30 7.45 -6.47
N GLY B 109 -21.88 6.26 -6.36
CA GLY B 109 -22.06 5.60 -5.08
C GLY B 109 -21.02 4.54 -4.78
N GLU B 110 -20.08 4.35 -5.72
CA GLU B 110 -18.94 3.44 -5.52
C GLU B 110 -18.18 3.76 -4.22
N PRO B 111 -17.80 5.04 -4.01
CA PRO B 111 -17.15 5.29 -2.74
C PRO B 111 -18.19 5.44 -1.64
N THR B 112 -17.77 5.11 -0.43
CA THR B 112 -18.57 5.39 0.74
C THR B 112 -17.65 6.21 1.62
N ARG B 113 -18.13 7.38 2.03
CA ARG B 113 -17.30 8.30 2.79
C ARG B 113 -17.53 8.12 4.28
N GLY B 114 -18.79 7.91 4.66
CA GLY B 114 -19.15 7.84 6.06
C GLY B 114 -20.08 6.70 6.44
N MET B 115 -19.87 6.17 7.63
CA MET B 115 -20.87 5.36 8.30
C MET B 115 -21.20 6.04 9.63
N ALA B 116 -22.24 5.57 10.30
CA ALA B 116 -22.58 6.11 11.61
C ALA B 116 -22.56 5.02 12.67
N LEU B 117 -22.20 5.39 13.89
CA LEU B 117 -22.23 4.48 15.04
C LEU B 117 -23.39 4.83 15.98
N TYR B 118 -24.14 3.83 16.42
CA TYR B 118 -25.21 4.07 17.39
C TYR B 118 -25.61 2.79 18.14
N GLY B 119 -25.76 2.90 19.44
CA GLY B 119 -26.02 1.75 20.27
C GLY B 119 -24.83 0.83 20.21
N THR B 120 -25.02 -0.35 19.62
CA THR B 120 -23.92 -1.28 19.37
C THR B 120 -23.94 -1.73 17.91
N ASN B 121 -24.46 -0.89 17.02
CA ASN B 121 -24.51 -1.17 15.59
C ASN B 121 -23.69 -0.20 14.75
N VAL B 122 -23.21 -0.66 13.61
CA VAL B 122 -22.65 0.24 12.62
C VAL B 122 -23.67 0.41 11.50
N TYR B 123 -23.86 1.63 11.03
CA TYR B 123 -24.86 1.94 10.00
C TYR B 123 -24.24 2.44 8.72
N PHE B 124 -24.64 1.88 7.60
CA PHE B 124 -24.29 2.48 6.32
C PHE B 124 -25.46 2.41 5.35
N VAL B 125 -25.46 3.32 4.38
CA VAL B 125 -26.41 3.20 3.28
C VAL B 125 -25.71 2.44 2.16
N SER B 126 -26.32 1.34 1.74
CA SER B 126 -25.71 0.49 0.72
C SER B 126 -25.63 1.16 -0.65
N TRP B 127 -24.97 0.48 -1.58
CA TRP B 127 -24.86 0.96 -2.95
C TRP B 127 -26.22 0.82 -3.63
N ASP B 128 -26.96 -0.23 -3.28
CA ASP B 128 -28.30 -0.43 -3.86
C ASP B 128 -29.40 0.30 -3.06
N ASN B 129 -28.98 1.31 -2.29
CA ASN B 129 -29.88 2.20 -1.57
C ASN B 129 -30.67 1.56 -0.41
N HIS B 130 -30.03 0.70 0.36
CA HIS B 130 -30.62 0.18 1.61
C HIS B 130 -29.92 0.79 2.82
N LEU B 131 -30.68 1.00 3.88
CA LEU B 131 -30.09 1.36 5.15
C LEU B 131 -29.81 0.06 5.89
N VAL B 132 -28.55 -0.16 6.23
CA VAL B 132 -28.14 -1.43 6.83
C VAL B 132 -27.48 -1.21 8.19
N ALA B 133 -27.86 -2.05 9.15
CA ALA B 133 -27.25 -2.02 10.47
C ALA B 133 -26.52 -3.33 10.74
N LEU B 134 -25.22 -3.25 11.02
CA LEU B 134 -24.44 -4.42 11.39
C LEU B 134 -24.07 -4.38 12.86
N ASP B 135 -24.00 -5.56 13.49
CA ASP B 135 -23.61 -5.70 14.88
C ASP B 135 -22.12 -5.41 15.02
N MET B 136 -21.76 -4.43 15.86
CA MET B 136 -20.36 -4.05 16.09
C MET B 136 -19.49 -5.25 16.48
N GLY B 137 -20.11 -6.21 17.15
CA GLY B 137 -19.35 -7.34 17.64
C GLY B 137 -18.95 -8.33 16.55
N THR B 138 -19.71 -8.35 15.45
CA THR B 138 -19.63 -9.48 14.52
C THR B 138 -19.76 -9.15 13.04
N GLY B 139 -20.36 -8.03 12.71
CA GLY B 139 -20.61 -7.70 11.31
C GLY B 139 -21.83 -8.41 10.71
N GLN B 140 -22.48 -9.24 11.52
CA GLN B 140 -23.73 -9.85 11.12
C GLN B 140 -24.82 -8.77 10.95
N VAL B 141 -25.78 -9.00 10.05
CA VAL B 141 -26.82 -8.01 9.76
C VAL B 141 -27.87 -7.93 10.83
N VAL B 142 -28.08 -6.74 11.37
CA VAL B 142 -29.14 -6.55 12.34
C VAL B 142 -30.42 -6.12 11.61
N PHE B 143 -30.33 -5.13 10.76
CA PHE B 143 -31.45 -4.84 9.88
C PHE B 143 -31.02 -4.32 8.50
N ASP B 144 -31.78 -4.69 7.47
CA ASP B 144 -31.57 -4.24 6.10
C ASP B 144 -32.88 -3.64 5.60
N VAL B 145 -32.89 -2.35 5.29
CA VAL B 145 -34.14 -1.68 4.94
C VAL B 145 -34.04 -0.91 3.63
N ASP B 146 -34.92 -1.24 2.69
CA ASP B 146 -34.92 -0.65 1.35
C ASP B 146 -35.52 0.77 1.35
N ARG B 147 -34.75 1.73 0.84
CA ARG B 147 -35.21 3.11 0.73
C ARG B 147 -36.02 3.37 -0.54
N GLY B 148 -35.83 2.52 -1.55
CA GLY B 148 -36.56 2.64 -2.81
C GLY B 148 -35.66 2.69 -4.04
N GLN B 149 -35.75 1.65 -4.87
CA GLN B 149 -35.08 1.61 -6.17
C GLN B 149 -35.54 0.38 -6.95
N ASP B 151 -36.67 4.97 -10.86
CA ASP B 151 -36.64 3.68 -10.15
C ASP B 151 -35.38 2.87 -10.48
N GLU B 152 -34.24 3.55 -10.49
CA GLU B 152 -32.91 2.96 -10.67
C GLU B 152 -31.85 4.02 -10.42
N ARG B 153 -30.61 3.57 -10.22
CA ARG B 153 -29.44 4.45 -10.13
C ARG B 153 -29.57 5.56 -9.07
N VAL B 154 -30.22 5.24 -7.95
CA VAL B 154 -30.26 6.14 -6.79
C VAL B 154 -29.48 5.51 -5.65
N SER B 155 -28.39 6.14 -5.22
CA SER B 155 -27.60 5.59 -4.11
C SER B 155 -27.23 6.64 -3.06
N ASN B 156 -26.14 6.38 -2.34
CA ASN B 156 -25.66 7.30 -1.32
C ASN B 156 -24.16 7.50 -1.48
N SER B 157 -23.64 8.58 -0.91
CA SER B 157 -22.23 8.92 -1.08
C SER B 157 -21.54 9.24 0.25
N SER B 158 -22.13 10.18 0.99
CA SER B 158 -21.48 10.76 2.16
C SER B 158 -21.79 10.08 3.49
N GLY B 159 -22.71 9.14 3.45
CA GLY B 159 -23.04 8.39 4.66
C GLY B 159 -24.22 8.95 5.43
N PRO B 160 -24.77 8.12 6.32
CA PRO B 160 -25.87 8.47 7.22
C PRO B 160 -25.34 9.03 8.53
N ILE B 161 -26.10 9.89 9.19
CA ILE B 161 -25.71 10.33 10.53
C ILE B 161 -26.80 10.02 11.54
N VAL B 162 -26.45 10.23 12.80
CA VAL B 162 -27.42 10.11 13.87
C VAL B 162 -27.78 11.53 14.28
N ALA B 163 -29.07 11.78 14.43
CA ALA B 163 -29.55 13.05 14.97
C ALA B 163 -30.68 12.81 15.97
N ASN B 164 -30.33 12.93 17.25
CA ASN B 164 -31.23 12.56 18.36
C ASN B 164 -31.98 11.26 18.17
N GLY B 165 -31.25 10.14 18.28
CA GLY B 165 -31.82 8.83 18.12
C GLY B 165 -32.34 8.55 16.73
N THR B 166 -32.10 9.47 15.80
CA THR B 166 -32.60 9.33 14.44
C THR B 166 -31.49 9.18 13.39
N ILE B 167 -31.56 8.10 12.64
CA ILE B 167 -30.70 7.93 11.47
C ILE B 167 -31.21 8.77 10.29
N VAL B 168 -30.30 9.49 9.64
CA VAL B 168 -30.63 10.43 8.58
C VAL B 168 -29.57 10.37 7.46
N ALA B 169 -30.00 10.32 6.20
CA ALA B 169 -29.06 10.37 5.08
C ALA B 169 -29.63 11.05 3.84
N GLY B 170 -28.73 11.61 3.02
CA GLY B 170 -29.07 12.15 1.72
C GLY B 170 -29.08 11.08 0.63
N SER B 171 -28.65 11.44 -0.57
CA SER B 171 -28.65 10.51 -1.71
C SER B 171 -28.11 11.15 -3.01
N THR B 172 -27.76 10.31 -3.96
CA THR B 172 -27.32 10.78 -5.27
C THR B 172 -27.93 9.95 -6.38
N GLY B 179 -32.80 11.80 -8.78
CA GLY B 179 -31.77 11.44 -7.81
C GLY B 179 -31.94 12.19 -6.47
N CYS B 180 -33.18 12.63 -6.19
CA CYS B 180 -33.47 13.48 -5.03
C CYS B 180 -34.10 12.72 -3.86
N PHE B 181 -33.66 13.02 -2.64
CA PHE B 181 -34.16 12.40 -1.40
C PHE B 181 -33.31 12.84 -0.20
N VAL B 182 -33.98 13.12 0.92
CA VAL B 182 -33.35 13.10 2.25
C VAL B 182 -34.37 12.46 3.21
N SER B 183 -33.93 11.56 4.08
CA SER B 183 -34.87 10.79 4.88
C SER B 183 -34.44 10.53 6.32
N GLY B 184 -35.42 10.42 7.22
CA GLY B 184 -35.17 10.06 8.61
C GLY B 184 -35.67 8.68 8.98
N HIS B 185 -34.87 7.94 9.76
CA HIS B 185 -35.12 6.53 10.02
C HIS B 185 -35.01 6.14 11.49
N ASP B 186 -35.67 5.05 11.86
CA ASP B 186 -35.63 4.56 13.22
C ASP B 186 -34.33 3.82 13.50
N SER B 187 -33.73 4.07 14.67
CA SER B 187 -32.40 3.53 14.99
C SER B 187 -32.39 2.05 15.39
N ALA B 188 -33.54 1.38 15.31
CA ALA B 188 -33.59 -0.02 15.77
C ALA B 188 -34.20 -0.93 14.73
N THR B 189 -34.74 -0.31 13.68
CA THR B 189 -35.69 -0.92 12.78
C THR B 189 -35.46 -0.40 11.37
N GLY B 190 -35.07 0.87 11.29
CA GLY B 190 -34.75 1.48 10.01
C GLY B 190 -35.95 2.11 9.31
N GLU B 191 -37.15 1.86 9.84
CA GLU B 191 -38.39 2.39 9.27
C GLU B 191 -38.33 3.91 9.00
N GLU B 192 -38.73 4.31 7.79
CA GLU B 192 -38.71 5.71 7.36
C GLU B 192 -39.67 6.55 8.22
N LEU B 193 -39.14 7.63 8.79
CA LEU B 193 -39.91 8.47 9.70
C LEU B 193 -40.29 9.78 9.05
N TRP B 194 -39.60 10.12 7.96
CA TRP B 194 -39.92 11.30 7.15
C TRP B 194 -39.12 11.39 5.86
N ARG B 195 -39.59 12.23 4.95
CA ARG B 195 -38.93 12.38 3.65
C ARG B 195 -39.05 13.83 3.17
N ASN B 196 -37.91 14.48 2.97
CA ASN B 196 -37.88 15.84 2.42
C ASN B 196 -37.41 15.84 0.97
N TYR B 197 -38.19 16.45 0.09
CA TYR B 197 -37.84 16.45 -1.32
C TYR B 197 -37.20 17.73 -1.85
N PHE B 198 -36.18 17.55 -2.70
CA PHE B 198 -35.39 18.66 -3.21
C PHE B 198 -36.09 19.39 -4.36
N ILE B 199 -36.82 18.67 -5.19
CA ILE B 199 -37.55 19.29 -6.29
C ILE B 199 -38.93 19.78 -5.83
N TRP B 218 -28.22 22.35 -6.66
CA TRP B 218 -28.72 21.03 -7.02
C TRP B 218 -30.05 20.70 -6.33
N MET B 219 -30.95 20.06 -7.07
CA MET B 219 -32.15 19.45 -6.48
C MET B 219 -32.17 18.00 -6.91
N THR B 220 -31.18 17.64 -7.73
CA THR B 220 -30.99 16.27 -8.17
C THR B 220 -29.95 15.58 -7.29
N GLY B 221 -29.84 16.04 -6.04
CA GLY B 221 -28.96 15.39 -5.09
C GLY B 221 -28.51 16.20 -3.90
N ALA B 222 -28.89 15.72 -2.71
CA ALA B 222 -28.27 16.12 -1.46
C ALA B 222 -27.25 15.04 -1.08
N TRP B 223 -26.18 14.93 -1.87
CA TRP B 223 -25.24 13.83 -1.76
C TRP B 223 -24.14 14.05 -0.72
N GLY B 224 -24.01 15.29 -0.27
CA GLY B 224 -22.91 15.67 0.59
C GLY B 224 -23.09 15.36 2.07
N GLN B 225 -22.14 15.87 2.85
CA GLN B 225 -22.07 15.67 4.29
C GLN B 225 -23.23 16.36 5.00
N ILE B 226 -23.82 15.67 5.98
CA ILE B 226 -24.91 16.27 6.72
C ILE B 226 -24.47 16.53 8.17
N THR B 227 -24.72 17.76 8.66
CA THR B 227 -24.22 18.23 9.96
C THR B 227 -25.28 18.45 11.06
N TYR B 228 -25.28 17.60 12.09
CA TYR B 228 -26.25 17.74 13.19
C TYR B 228 -25.71 18.53 14.39
N ASP B 229 -26.40 19.61 14.77
CA ASP B 229 -26.05 20.32 15.99
C ASP B 229 -26.93 19.85 17.16
N PRO B 230 -26.32 19.17 18.15
CA PRO B 230 -27.13 18.73 19.29
C PRO B 230 -27.53 19.86 20.24
N VAL B 231 -26.96 21.06 20.05
CA VAL B 231 -27.29 22.21 20.87
C VAL B 231 -28.65 22.79 20.48
N THR B 232 -28.74 23.28 19.24
CA THR B 232 -29.97 23.87 18.74
C THR B 232 -30.95 22.84 18.19
N ASN B 233 -30.57 21.57 18.27
CA ASN B 233 -31.35 20.47 17.70
C ASN B 233 -31.66 20.71 16.22
N LEU B 234 -30.63 21.02 15.43
CA LEU B 234 -30.81 21.39 14.02
C LEU B 234 -29.90 20.63 13.07
N VAL B 235 -30.50 20.06 12.02
CA VAL B 235 -29.78 19.31 11.01
C VAL B 235 -29.58 20.16 9.75
N HIS B 236 -28.34 20.30 9.29
CA HIS B 236 -28.03 21.09 8.11
C HIS B 236 -27.51 20.23 6.96
N TYR B 237 -28.23 20.25 5.85
CA TYR B 237 -27.73 19.65 4.60
C TYR B 237 -27.78 20.66 3.47
N GLY B 238 -27.08 20.37 2.38
CA GLY B 238 -27.15 21.17 1.17
C GLY B 238 -28.04 20.47 0.17
N SER B 239 -28.74 21.26 -0.65
CA SER B 239 -29.72 20.70 -1.58
C SER B 239 -29.06 19.89 -2.70
N GLY B 259 -33.65 23.64 -3.80
CA GLY B 259 -34.12 23.74 -5.17
C GLY B 259 -32.97 24.04 -6.14
N THR B 260 -32.45 25.26 -6.08
CA THR B 260 -31.22 25.62 -6.79
C THR B 260 -30.16 26.05 -5.78
N ASN B 261 -29.45 25.06 -5.23
CA ASN B 261 -28.38 25.30 -4.25
C ASN B 261 -28.79 26.17 -3.07
N THR B 262 -29.56 25.59 -2.15
CA THR B 262 -29.86 26.26 -0.90
C THR B 262 -29.48 25.36 0.29
N ARG B 263 -29.08 26.01 1.40
CA ARG B 263 -28.76 25.30 2.63
C ARG B 263 -30.01 25.19 3.51
N PHE B 264 -30.25 24.02 4.09
CA PHE B 264 -31.46 23.76 4.85
C PHE B 264 -31.17 23.46 6.31
N ALA B 265 -31.96 24.03 7.22
CA ALA B 265 -31.91 23.68 8.63
C ALA B 265 -33.24 23.09 9.08
N VAL B 266 -33.23 21.79 9.35
CA VAL B 266 -34.47 21.04 9.62
C VAL B 266 -34.45 20.45 11.02
N ARG B 267 -35.62 20.12 11.57
CA ARG B 267 -35.71 19.42 12.85
C ARG B 267 -35.52 17.93 12.60
N PRO B 268 -34.72 17.24 13.43
CA PRO B 268 -34.40 15.81 13.24
C PRO B 268 -35.58 14.85 13.44
N ASP B 269 -36.58 15.25 14.21
CA ASP B 269 -37.72 14.37 14.49
C ASP B 269 -38.70 14.25 13.31
N THR B 270 -38.87 15.35 12.57
CA THR B 270 -39.99 15.49 11.66
C THR B 270 -39.55 15.88 10.25
N GLY B 271 -38.36 16.48 10.17
CA GLY B 271 -37.83 16.98 8.91
C GLY B 271 -38.29 18.40 8.61
N GLU B 272 -39.00 19.01 9.56
CA GLU B 272 -39.59 20.33 9.37
C GLU B 272 -38.55 21.42 9.16
N ILE B 273 -38.59 22.07 7.99
CA ILE B 273 -37.67 23.13 7.62
C ILE B 273 -37.81 24.37 8.52
N VAL B 274 -36.75 24.67 9.26
CA VAL B 274 -36.74 25.80 10.18
C VAL B 274 -36.25 27.08 9.50
N TRP B 275 -35.13 26.97 8.79
CA TRP B 275 -34.66 28.07 7.94
C TRP B 275 -33.93 27.58 6.68
N ARG B 276 -33.70 28.48 5.74
CA ARG B 276 -33.02 28.12 4.50
C ARG B 276 -32.32 29.32 3.84
N HIS B 277 -31.34 29.02 3.01
CA HIS B 277 -30.62 30.07 2.29
C HIS B 277 -29.92 29.61 1.01
N GLN B 278 -30.17 30.34 -0.07
CA GLN B 278 -29.65 30.00 -1.37
C GLN B 278 -28.27 30.62 -1.58
N THR B 279 -27.26 29.78 -1.79
CA THR B 279 -25.89 30.27 -1.87
C THR B 279 -25.33 30.39 -3.28
N LEU B 280 -25.99 29.74 -4.25
CA LEU B 280 -25.68 30.00 -5.65
C LEU B 280 -26.92 29.78 -6.52
N PRO B 281 -27.59 30.87 -6.90
CA PRO B 281 -28.86 30.87 -7.64
C PRO B 281 -28.72 30.37 -9.07
N ARG B 282 -28.50 31.26 -10.03
CA ARG B 282 -28.43 30.83 -11.42
C ARG B 282 -27.13 30.08 -11.71
N ASP B 283 -27.08 28.84 -11.25
CA ASP B 283 -25.90 27.99 -11.37
C ASP B 283 -25.83 27.36 -12.74
N ASN B 284 -24.71 27.57 -13.43
CA ASN B 284 -24.53 27.03 -14.77
C ASN B 284 -23.31 26.13 -14.86
N TRP B 285 -22.91 25.52 -13.75
CA TRP B 285 -21.64 24.81 -13.70
C TRP B 285 -21.51 23.72 -12.64
N ASP B 286 -22.62 23.06 -12.29
CA ASP B 286 -22.60 21.93 -11.34
C ASP B 286 -21.79 22.24 -10.09
N GLN B 287 -21.94 23.47 -9.61
CA GLN B 287 -21.24 23.98 -8.44
C GLN B 287 -22.09 23.73 -7.21
N GLU B 288 -22.29 22.48 -6.84
CA GLU B 288 -23.22 22.14 -5.77
C GLU B 288 -22.82 22.79 -4.44
N CYS B 289 -23.78 22.99 -3.54
CA CYS B 289 -23.50 23.47 -2.20
C CYS B 289 -23.96 22.49 -1.13
N THR B 290 -23.57 21.24 -1.30
CA THR B 290 -23.97 20.20 -0.37
C THR B 290 -22.83 19.92 0.59
N PHE B 291 -21.82 20.78 0.59
CA PHE B 291 -20.62 20.47 1.37
C PHE B 291 -20.78 20.78 2.86
N GLU B 292 -19.99 20.09 3.69
CA GLU B 292 -20.03 20.25 5.14
C GLU B 292 -19.95 21.68 5.62
N MET B 293 -20.94 22.10 6.40
CA MET B 293 -20.92 23.40 7.06
C MET B 293 -20.71 23.14 8.55
N MET B 294 -20.07 24.07 9.26
CA MET B 294 -19.78 23.83 10.67
C MET B 294 -20.52 24.72 11.64
N VAL B 295 -21.02 24.13 12.72
CA VAL B 295 -21.69 24.87 13.79
C VAL B 295 -20.68 25.18 14.90
N THR B 296 -20.43 26.46 15.15
CA THR B 296 -19.52 26.83 16.24
C THR B 296 -19.84 28.18 16.86
N ASN B 297 -19.45 28.36 18.13
CA ASN B 297 -19.52 29.68 18.75
C ASN B 297 -18.21 30.39 18.44
N VAL B 298 -18.31 31.66 18.11
CA VAL B 298 -17.17 32.42 17.64
C VAL B 298 -17.53 33.87 17.78
N ASP B 299 -16.67 34.65 18.42
CA ASP B 299 -16.86 36.09 18.54
C ASP B 299 -16.90 36.75 17.17
N VAL B 300 -18.10 36.96 16.63
CA VAL B 300 -18.24 37.46 15.27
C VAL B 300 -17.85 38.93 15.10
N GLN B 301 -16.61 39.18 14.71
CA GLN B 301 -16.12 40.53 14.47
C GLN B 301 -15.46 40.66 13.10
N PRO B 302 -16.24 40.45 12.04
CA PRO B 302 -15.73 40.36 10.66
C PRO B 302 -15.06 41.63 10.17
N SER B 303 -13.74 41.57 10.01
CA SER B 303 -12.98 42.66 9.42
C SER B 303 -13.47 42.96 8.01
N THR B 304 -13.32 44.21 7.63
CA THR B 304 -13.71 44.65 6.29
C THR B 304 -12.50 44.52 5.37
N GLU B 305 -11.48 43.83 5.88
CA GLU B 305 -10.28 43.56 5.10
C GLU B 305 -10.18 42.11 4.65
N MET B 306 -11.27 41.36 4.80
CA MET B 306 -11.32 39.99 4.33
C MET B 306 -10.78 39.93 2.94
N GLU B 307 -9.86 39.00 2.71
CA GLU B 307 -9.43 38.70 1.36
C GLU B 307 -10.66 38.20 0.63
N GLY B 308 -10.77 38.58 -0.64
CA GLY B 308 -11.89 38.19 -1.47
C GLY B 308 -13.21 38.56 -0.84
N LEU B 309 -13.23 39.67 -0.10
CA LEU B 309 -14.45 40.15 0.53
C LEU B 309 -15.53 40.39 -0.51
N GLN B 310 -16.69 39.79 -0.26
CA GLN B 310 -17.84 39.98 -1.13
C GLN B 310 -18.80 40.97 -0.44
N SER B 311 -19.40 40.58 0.69
CA SER B 311 -20.13 41.52 1.55
C SER B 311 -20.27 41.06 3.00
N ILE B 312 -20.14 42.03 3.91
CA ILE B 312 -20.43 41.80 5.31
C ILE B 312 -21.88 42.17 5.58
N ASN B 313 -22.12 43.25 6.31
CA ASN B 313 -23.46 43.63 6.69
C ASN B 313 -23.51 45.02 7.31
N PRO B 314 -24.69 45.65 7.25
CA PRO B 314 -24.91 46.79 8.14
C PRO B 314 -25.43 46.27 9.48
N ASN B 315 -26.51 45.50 9.42
CA ASN B 315 -27.18 44.94 10.60
C ASN B 315 -27.62 43.51 10.28
N ALA B 316 -26.84 42.45 10.56
CA ALA B 316 -25.65 42.34 11.45
C ALA B 316 -25.95 42.32 12.95
N ALA B 317 -24.89 42.28 13.75
CA ALA B 317 -25.00 42.24 15.20
C ALA B 317 -23.65 42.58 15.81
N THR B 318 -22.77 41.57 15.89
CA THR B 318 -21.43 41.61 16.48
C THR B 318 -21.44 41.05 17.90
N GLY B 319 -20.38 40.31 18.26
CA GLY B 319 -20.23 39.82 19.63
C GLY B 319 -20.47 38.33 19.79
N GLU B 320 -21.37 37.80 18.97
CA GLU B 320 -21.62 36.35 18.85
C GLU B 320 -22.46 35.68 19.91
N ARG B 321 -23.22 34.60 19.61
CA ARG B 321 -23.57 33.93 18.31
C ARG B 321 -23.00 32.52 18.04
N ARG B 322 -23.86 31.50 18.23
CA ARG B 322 -23.63 30.16 17.70
C ARG B 322 -23.88 30.23 16.19
N VAL B 323 -22.90 29.76 15.42
CA VAL B 323 -22.78 30.09 14.02
C VAL B 323 -22.68 28.84 13.13
N LEU B 324 -23.31 28.90 11.95
CA LEU B 324 -22.97 27.98 10.85
C LEU B 324 -21.97 28.70 9.95
N THR B 325 -20.90 28.03 9.58
CA THR B 325 -19.91 28.67 8.72
C THR B 325 -19.12 27.69 7.88
N GLY B 326 -18.31 28.25 6.98
CA GLY B 326 -17.50 27.47 6.06
C GLY B 326 -17.86 27.70 4.59
N VAL B 327 -17.10 27.08 3.70
CA VAL B 327 -17.40 27.17 2.28
C VAL B 327 -18.24 25.96 1.81
N PRO B 328 -19.49 26.24 1.41
CA PRO B 328 -20.45 25.19 1.07
C PRO B 328 -20.46 24.84 -0.42
N CYS B 329 -19.92 25.72 -1.27
CA CYS B 329 -19.97 25.53 -2.73
C CYS B 329 -18.64 25.08 -3.30
N LYS B 330 -18.68 24.56 -4.52
CA LYS B 330 -17.46 24.28 -5.24
C LYS B 330 -16.74 25.58 -5.55
N THR B 331 -17.49 26.67 -5.52
CA THR B 331 -17.01 27.99 -5.95
C THR B 331 -15.94 28.52 -5.00
N GLY B 332 -16.05 28.13 -3.74
CA GLY B 332 -15.01 28.42 -2.78
C GLY B 332 -15.33 29.63 -1.92
N THR B 333 -16.60 30.05 -1.96
CA THR B 333 -17.03 31.20 -1.19
C THR B 333 -17.31 30.82 0.27
N MET B 334 -16.65 31.50 1.20
CA MET B 334 -16.84 31.21 2.62
C MET B 334 -17.99 32.04 3.22
N TRP B 335 -18.91 31.37 3.92
CA TRP B 335 -20.12 32.00 4.43
C TRP B 335 -20.21 31.94 5.95
N GLN B 336 -21.04 32.81 6.52
CA GLN B 336 -21.38 32.75 7.94
C GLN B 336 -22.84 33.13 8.24
N PHE B 337 -23.52 32.30 9.03
CA PHE B 337 -24.90 32.52 9.44
C PHE B 337 -25.10 32.32 10.94
N ASP B 338 -26.20 32.87 11.46
CA ASP B 338 -26.67 32.47 12.78
C ASP B 338 -27.16 31.04 12.69
N ALA B 339 -26.63 30.18 13.56
CA ALA B 339 -26.92 28.76 13.52
C ALA B 339 -28.40 28.41 13.73
N GLU B 340 -29.17 29.34 14.26
CA GLU B 340 -30.58 29.05 14.57
C GLU B 340 -31.60 29.86 13.74
N THR B 341 -31.17 30.98 13.17
CA THR B 341 -32.07 31.79 12.32
C THR B 341 -31.67 31.73 10.87
N GLY B 342 -30.39 31.50 10.63
CA GLY B 342 -29.86 31.53 9.28
C GLY B 342 -29.76 32.95 8.77
N GLU B 343 -29.75 33.91 9.68
CA GLU B 343 -29.50 35.29 9.31
C GLU B 343 -28.12 35.41 8.68
N PHE B 344 -28.03 36.17 7.59
CA PHE B 344 -26.75 36.38 6.94
C PHE B 344 -25.82 37.29 7.74
N LEU B 345 -24.56 36.88 7.85
CA LEU B 345 -23.54 37.66 8.54
C LEU B 345 -22.46 38.19 7.58
N TRP B 346 -21.72 37.28 6.91
CA TRP B 346 -20.68 37.69 5.94
C TRP B 346 -20.26 36.63 4.89
N ALA B 347 -19.53 37.08 3.85
CA ALA B 347 -19.13 36.21 2.75
C ALA B 347 -17.85 36.65 2.03
N ARG B 348 -16.94 35.70 1.81
CA ARG B 348 -15.67 35.99 1.15
C ARG B 348 -15.26 34.93 0.13
N ASP B 349 -14.31 35.28 -0.72
CA ASP B 349 -13.74 34.37 -1.70
C ASP B 349 -12.47 33.76 -1.14
N THR B 350 -12.18 32.54 -1.58
CA THR B 350 -10.93 31.87 -1.24
C THR B 350 -10.14 31.74 -2.52
N ASN B 351 -10.37 30.68 -3.27
CA ASN B 351 -9.78 30.53 -4.61
C ASN B 351 -10.24 31.65 -5.52
N TYR B 352 -9.49 31.89 -6.59
CA TYR B 352 -9.93 32.82 -7.62
C TYR B 352 -11.21 32.31 -8.26
N GLN B 353 -12.17 33.21 -8.50
CA GLN B 353 -13.41 32.85 -9.18
C GLN B 353 -13.99 34.02 -9.96
N ASN B 354 -14.85 33.72 -10.93
CA ASN B 354 -15.61 34.77 -11.60
C ASN B 354 -17.03 34.35 -11.97
N MET B 355 -17.53 33.31 -11.30
CA MET B 355 -18.93 32.93 -11.44
C MET B 355 -19.83 33.86 -10.63
N ILE B 356 -19.23 34.58 -9.69
CA ILE B 356 -20.01 35.48 -8.83
C ILE B 356 -19.62 36.93 -9.06
N GLU B 357 -20.62 37.72 -9.43
CA GLU B 357 -20.43 39.11 -9.79
C GLU B 357 -20.31 39.94 -8.52
N SER B 358 -21.38 39.93 -7.75
CA SER B 358 -21.44 40.71 -6.54
C SER B 358 -22.32 40.02 -5.52
N ILE B 359 -22.40 40.63 -4.35
CA ILE B 359 -23.11 40.04 -3.23
C ILE B 359 -23.64 41.17 -2.31
N ASP B 360 -24.97 41.31 -2.31
CA ASP B 360 -25.66 42.34 -1.54
C ASP B 360 -25.64 41.98 -0.04
N GLU B 361 -26.04 42.92 0.79
CA GLU B 361 -25.77 42.80 2.21
C GLU B 361 -26.80 41.95 2.95
N ASN B 362 -27.41 41.01 2.25
CA ASN B 362 -28.51 40.25 2.86
C ASN B 362 -28.60 38.77 2.50
N GLY B 363 -27.62 38.24 1.78
CA GLY B 363 -27.68 36.84 1.40
C GLY B 363 -27.68 36.52 -0.09
N ILE B 364 -28.06 37.50 -0.92
CA ILE B 364 -27.79 37.51 -2.39
C ILE B 364 -28.26 36.23 -3.15
N VAL B 365 -27.57 35.59 -4.12
CA VAL B 365 -26.33 35.94 -4.84
C VAL B 365 -26.66 36.47 -6.23
N THR B 366 -25.81 37.31 -6.80
CA THR B 366 -25.99 37.69 -8.20
C THR B 366 -24.83 37.23 -9.06
N VAL B 367 -25.11 36.32 -10.00
CA VAL B 367 -24.09 35.70 -10.84
C VAL B 367 -23.54 36.63 -11.92
N ASN B 368 -22.26 36.46 -12.20
CA ASN B 368 -21.61 37.16 -13.32
C ASN B 368 -22.02 36.56 -14.65
N GLU B 369 -22.58 37.39 -15.53
CA GLU B 369 -23.13 36.89 -16.79
C GLU B 369 -22.04 36.65 -17.83
N ASP B 370 -20.92 37.35 -17.68
CA ASP B 370 -19.74 37.19 -18.53
C ASP B 370 -19.23 35.75 -18.57
N ALA B 371 -19.62 34.97 -17.57
CA ALA B 371 -19.07 33.63 -17.43
C ALA B 371 -19.99 32.59 -18.03
N ILE B 372 -21.27 32.92 -18.18
CA ILE B 372 -22.21 31.98 -18.78
C ILE B 372 -21.96 31.80 -20.28
N LEU B 373 -21.74 30.56 -20.72
CA LEU B 373 -21.60 30.30 -22.14
C LEU B 373 -22.94 30.47 -22.83
N LYS B 374 -23.10 31.61 -23.50
CA LYS B 374 -24.18 31.82 -24.43
C LYS B 374 -23.45 32.15 -25.71
N GLU B 375 -23.96 31.69 -26.85
CA GLU B 375 -23.37 31.85 -28.19
C GLU B 375 -22.19 32.84 -28.33
N LEU B 376 -21.04 32.44 -28.89
CA LEU B 376 -20.70 31.13 -29.47
C LEU B 376 -19.30 31.43 -29.94
N ASP B 377 -18.47 30.41 -30.10
CA ASP B 377 -17.22 30.54 -30.84
C ASP B 377 -16.14 31.38 -30.12
N VAL B 378 -16.41 31.78 -28.88
CA VAL B 378 -15.46 32.61 -28.15
C VAL B 378 -14.86 31.85 -26.96
N GLU B 379 -13.59 32.13 -26.66
CA GLU B 379 -12.94 31.61 -25.46
C GLU B 379 -13.59 32.18 -24.20
N TYR B 380 -14.31 31.34 -23.47
CA TYR B 380 -14.81 31.70 -22.14
C TYR B 380 -13.82 31.30 -21.06
N ASP B 381 -13.44 32.25 -20.21
CA ASP B 381 -12.67 31.91 -19.02
C ASP B 381 -13.60 31.78 -17.83
N VAL B 382 -13.72 30.57 -17.31
CA VAL B 382 -14.57 30.35 -16.16
C VAL B 382 -13.75 29.78 -15.03
N CYS B 383 -13.90 30.39 -13.85
CA CYS B 383 -13.19 29.95 -12.65
C CYS B 383 -14.14 29.79 -11.48
N PRO B 384 -13.98 28.71 -10.72
CA PRO B 384 -13.01 27.64 -10.96
C PRO B 384 -13.55 26.59 -11.95
N THR B 385 -13.43 25.31 -11.65
CA THR B 385 -13.90 24.28 -12.57
C THR B 385 -15.05 23.53 -11.95
N PHE B 386 -15.45 22.45 -12.61
CA PHE B 386 -16.56 21.63 -12.15
C PHE B 386 -16.14 20.82 -10.93
N LEU B 387 -14.84 20.81 -10.67
CA LEU B 387 -14.30 20.19 -9.46
C LEU B 387 -13.84 21.31 -8.57
N GLY B 388 -14.12 22.52 -9.04
CA GLY B 388 -13.97 23.72 -8.27
C GLY B 388 -12.56 24.14 -8.00
N GLY B 389 -12.44 24.96 -6.98
CA GLY B 389 -11.24 25.05 -6.18
C GLY B 389 -11.56 24.15 -5.00
N ARG B 390 -12.85 24.03 -4.68
CA ARG B 390 -13.32 23.20 -3.56
C ARG B 390 -14.31 22.09 -4.00
N ASP B 391 -14.36 20.98 -3.27
CA ASP B 391 -15.23 19.86 -3.61
C ASP B 391 -15.51 19.09 -2.33
N TRP B 392 -16.00 17.85 -2.42
CA TRP B 392 -16.25 17.05 -1.22
C TRP B 392 -15.10 16.98 -0.18
N PRO B 393 -13.80 16.93 -0.63
CA PRO B 393 -12.74 16.83 0.39
C PRO B 393 -12.85 17.90 1.49
N SER B 394 -12.99 17.44 2.71
CA SER B 394 -13.49 18.28 3.78
C SER B 394 -12.50 19.26 4.36
N ALA B 395 -13.05 20.34 4.90
CA ALA B 395 -12.30 21.34 5.64
C ALA B 395 -12.26 20.95 7.10
N ALA B 396 -11.25 21.44 7.81
CA ALA B 396 -11.17 21.23 9.24
C ALA B 396 -11.20 22.58 9.92
N LEU B 397 -11.75 22.61 11.12
CA LEU B 397 -11.70 23.82 11.93
C LEU B 397 -11.09 23.50 13.28
N ASN B 398 -10.04 24.23 13.65
CA ASN B 398 -9.55 24.16 15.02
C ASN B 398 -10.40 25.09 15.92
N PRO B 399 -11.24 24.50 16.79
CA PRO B 399 -12.16 25.26 17.66
C PRO B 399 -11.46 26.19 18.66
N ASP B 400 -10.33 25.75 19.20
CA ASP B 400 -9.57 26.54 20.17
C ASP B 400 -8.97 27.80 19.52
N SER B 401 -8.46 27.67 18.31
CA SER B 401 -7.82 28.81 17.68
C SER B 401 -8.80 29.59 16.80
N GLY B 402 -9.95 28.99 16.51
CA GLY B 402 -10.86 29.55 15.54
C GLY B 402 -10.30 29.57 14.13
N ILE B 403 -9.42 28.65 13.77
CA ILE B 403 -8.90 28.63 12.41
C ILE B 403 -9.54 27.56 11.51
N TYR B 404 -10.03 27.98 10.36
CA TYR B 404 -10.68 27.11 9.41
C TYR B 404 -9.66 26.75 8.33
N PHE B 405 -9.56 25.45 8.02
CA PHE B 405 -8.53 24.94 7.14
C PHE B 405 -9.18 24.25 5.98
N ILE B 406 -9.08 24.85 4.79
CA ILE B 406 -9.81 24.38 3.62
C ILE B 406 -8.89 23.91 2.47
N PRO B 407 -9.06 22.65 2.04
CA PRO B 407 -8.32 22.16 0.87
C PRO B 407 -8.89 22.69 -0.46
N LEU B 408 -8.03 23.30 -1.28
CA LEU B 408 -8.46 23.95 -2.52
C LEU B 408 -7.67 23.53 -3.75
N ASN B 409 -8.15 23.94 -4.92
CA ASN B 409 -7.39 23.77 -6.17
C ASN B 409 -7.42 25.00 -7.09
N ASN B 410 -6.25 25.59 -7.34
CA ASN B 410 -6.15 26.71 -8.26
C ASN B 410 -6.30 26.18 -9.66
N VAL B 411 -7.48 26.36 -10.24
CA VAL B 411 -7.75 25.70 -11.50
C VAL B 411 -8.93 26.37 -12.20
N CYS B 412 -8.86 26.46 -13.52
CA CYS B 412 -9.89 27.10 -14.34
C CYS B 412 -10.13 26.25 -15.57
N TYR B 413 -11.07 26.67 -16.41
CA TYR B 413 -11.09 26.14 -17.78
C TYR B 413 -11.39 27.20 -18.84
N ASP B 414 -10.94 26.93 -20.05
CA ASP B 414 -11.41 27.63 -21.23
C ASP B 414 -12.56 26.82 -21.77
N MET B 415 -13.71 27.47 -21.97
CA MET B 415 -14.90 26.78 -22.45
C MET B 415 -15.30 27.35 -23.79
N MET B 416 -15.12 26.57 -24.85
CA MET B 416 -15.52 27.00 -26.18
C MET B 416 -16.45 25.98 -26.83
N ALA B 417 -17.53 26.49 -27.44
CA ALA B 417 -18.43 25.66 -28.23
C ALA B 417 -18.26 26.00 -29.70
N VAL B 418 -17.92 25.01 -30.52
CA VAL B 418 -17.66 25.26 -31.95
C VAL B 418 -18.56 24.50 -32.92
N ASP B 419 -19.21 25.23 -33.82
CA ASP B 419 -20.12 24.68 -34.81
C ASP B 419 -19.44 23.66 -35.73
N GLN B 420 -19.97 22.45 -35.76
CA GLN B 420 -19.39 21.35 -36.56
C GLN B 420 -19.63 21.52 -38.06
N GLU B 421 -20.51 22.44 -38.40
CA GLU B 421 -20.97 22.65 -39.78
C GLU B 421 -21.48 21.36 -40.43
N PHE B 422 -22.27 20.60 -39.67
CA PHE B 422 -23.08 19.52 -40.22
C PHE B 422 -24.23 20.21 -40.93
N THR B 423 -24.99 19.41 -41.68
CA THR B 423 -26.34 19.78 -42.10
C THR B 423 -26.96 18.51 -42.67
N SER B 424 -28.22 18.21 -42.32
CA SER B 424 -29.07 19.13 -41.56
C SER B 424 -28.94 19.00 -40.05
N MET B 425 -28.50 20.08 -39.43
CA MET B 425 -28.54 20.35 -37.99
C MET B 425 -27.47 21.36 -37.63
N ASP B 426 -27.76 22.18 -36.63
CA ASP B 426 -26.72 22.98 -36.00
C ASP B 426 -26.14 22.15 -34.86
N VAL B 427 -25.13 21.34 -35.14
CA VAL B 427 -24.52 20.53 -34.08
C VAL B 427 -23.19 21.11 -33.59
N TYR B 428 -22.98 21.07 -32.29
CA TYR B 428 -21.83 21.72 -31.69
C TYR B 428 -20.96 20.73 -30.92
N ASN B 429 -19.67 21.02 -30.90
CA ASN B 429 -18.73 20.37 -30.01
C ASN B 429 -18.41 21.37 -28.90
N THR B 430 -18.26 20.88 -27.67
CA THR B 430 -17.94 21.81 -26.59
C THR B 430 -16.71 21.34 -25.82
N SER B 431 -15.69 22.20 -25.80
CA SER B 431 -14.39 21.83 -25.23
C SER B 431 -14.11 22.56 -23.93
N ASN B 432 -13.74 21.80 -22.90
CA ASN B 432 -13.27 22.36 -21.65
C ASN B 432 -11.83 21.97 -21.47
N VAL B 433 -10.91 22.83 -21.86
CA VAL B 433 -9.52 22.60 -21.52
C VAL B 433 -9.24 23.23 -20.16
N THR B 434 -8.65 22.45 -19.26
CA THR B 434 -8.36 22.91 -17.90
C THR B 434 -7.04 23.72 -17.83
N LYS B 435 -7.02 24.81 -17.07
CA LYS B 435 -5.80 25.61 -16.99
C LYS B 435 -5.65 26.32 -15.66
N LEU B 436 -4.43 26.76 -15.36
CA LEU B 436 -4.19 27.53 -14.16
C LEU B 436 -4.80 28.92 -14.29
N PRO B 437 -5.21 29.50 -13.16
CA PRO B 437 -5.80 30.84 -13.02
C PRO B 437 -4.72 31.92 -13.21
N PRO B 438 -5.12 33.17 -13.49
CA PRO B 438 -4.28 34.34 -13.81
C PRO B 438 -2.78 34.26 -13.49
N GLY B 439 -2.41 34.21 -12.21
CA GLY B 439 -0.98 34.19 -11.88
C GLY B 439 -0.51 33.00 -11.06
N LYS B 440 -1.02 31.82 -11.37
CA LYS B 440 -0.74 30.66 -10.54
C LYS B 440 0.19 29.64 -11.21
N ASP B 441 1.17 29.18 -10.44
CA ASP B 441 2.12 28.18 -10.88
C ASP B 441 1.64 26.81 -10.42
N MET B 442 0.78 26.81 -9.42
CA MET B 442 0.52 25.62 -8.63
C MET B 442 -0.97 25.41 -8.43
N ILE B 443 -1.39 24.15 -8.54
CA ILE B 443 -2.76 23.75 -8.26
C ILE B 443 -2.72 23.18 -6.87
N GLY B 444 -3.76 23.31 -6.07
CA GLY B 444 -3.72 22.48 -4.88
C GLY B 444 -3.07 23.22 -3.75
N ARG B 445 -3.86 23.47 -2.71
CA ARG B 445 -3.56 24.54 -1.82
C ARG B 445 -4.39 24.37 -0.56
N ILE B 446 -3.91 24.96 0.52
CA ILE B 446 -4.67 25.01 1.74
C ILE B 446 -4.72 26.43 2.25
N ASP B 447 -5.90 26.94 2.46
CA ASP B 447 -6.04 28.24 3.03
C ASP B 447 -6.46 28.07 4.46
N ALA B 448 -5.72 28.70 5.36
CA ALA B 448 -6.13 28.80 6.75
C ALA B 448 -6.72 30.18 6.95
N ILE B 449 -7.91 30.23 7.52
CA ILE B 449 -8.69 31.45 7.62
C ILE B 449 -9.32 31.58 9.01
N ASP B 450 -9.20 32.77 9.59
CA ASP B 450 -9.78 33.03 10.89
C ASP B 450 -11.29 33.25 10.77
N ILE B 451 -12.09 32.57 11.60
CA ILE B 451 -13.54 32.63 11.43
C ILE B 451 -14.21 33.78 12.13
N SER B 452 -13.48 34.42 13.04
CA SER B 452 -13.99 35.63 13.68
C SER B 452 -13.80 36.83 12.75
N THR B 453 -12.57 37.09 12.34
CA THR B 453 -12.28 38.24 11.50
C THR B 453 -12.61 37.99 10.03
N GLY B 454 -12.46 36.75 9.59
CA GLY B 454 -12.61 36.45 8.18
C GLY B 454 -11.32 36.70 7.43
N ARG B 455 -10.25 37.01 8.16
CA ARG B 455 -8.97 37.30 7.54
C ARG B 455 -8.14 36.03 7.34
N THR B 456 -7.30 36.04 6.30
CA THR B 456 -6.49 34.87 5.97
C THR B 456 -5.23 34.77 6.80
N LEU B 457 -5.08 33.65 7.51
CA LEU B 457 -3.86 33.42 8.29
C LEU B 457 -2.68 33.06 7.38
N TRP B 458 -2.86 32.04 6.55
CA TRP B 458 -1.83 31.66 5.57
C TRP B 458 -2.41 30.85 4.44
N SER B 459 -1.65 30.79 3.35
CA SER B 459 -2.04 30.00 2.19
C SER B 459 -0.80 29.40 1.54
N VAL B 460 -0.77 28.08 1.44
CA VAL B 460 0.38 27.39 0.88
C VAL B 460 -0.01 26.47 -0.26
N GLU B 461 0.88 26.33 -1.22
CA GLU B 461 0.55 25.60 -2.42
C GLU B 461 1.60 24.55 -2.72
N ARG B 462 1.30 23.70 -3.70
CA ARG B 462 2.29 22.80 -4.24
C ARG B 462 1.81 22.52 -5.64
N ALA B 463 2.65 21.90 -6.48
CA ALA B 463 2.32 21.75 -7.89
C ALA B 463 1.05 20.94 -8.12
N ALA B 464 1.04 19.74 -7.57
CA ALA B 464 0.00 18.76 -7.87
C ALA B 464 -1.34 19.11 -7.25
N ALA B 465 -2.42 18.70 -7.91
CA ALA B 465 -3.74 18.87 -7.36
C ALA B 465 -3.80 18.27 -5.96
N ASN B 466 -4.62 18.86 -5.10
CA ASN B 466 -4.73 18.42 -3.72
C ASN B 466 -5.88 17.40 -3.70
N TYR B 467 -7.11 17.90 -3.62
CA TYR B 467 -8.31 17.08 -3.71
C TYR B 467 -8.37 16.08 -2.58
N SER B 468 -7.89 16.52 -1.42
CA SER B 468 -7.82 15.62 -0.28
C SER B 468 -8.26 16.35 0.99
N PRO B 469 -9.02 15.66 1.85
CA PRO B 469 -9.47 16.25 3.11
C PRO B 469 -8.33 16.73 4.00
N VAL B 470 -8.67 17.53 5.00
CA VAL B 470 -7.68 17.96 5.97
C VAL B 470 -8.12 17.57 7.36
N LEU B 471 -7.13 17.39 8.21
CA LEU B 471 -7.35 17.01 9.61
C LEU B 471 -6.60 17.97 10.51
N SER B 472 -7.29 18.55 11.48
CA SER B 472 -6.64 19.37 12.49
C SER B 472 -6.47 18.58 13.79
N THR B 473 -5.30 18.66 14.40
CA THR B 473 -5.14 18.06 15.73
C THR B 473 -4.79 19.11 16.77
N GLY B 474 -4.94 18.73 18.03
CA GLY B 474 -4.69 19.63 19.14
C GLY B 474 -3.22 19.93 19.41
N GLY B 475 -2.33 19.32 18.66
CA GLY B 475 -0.90 19.55 18.80
C GLY B 475 -0.41 20.65 17.87
N GLY B 476 -1.33 21.23 17.11
CA GLY B 476 -0.98 22.36 16.26
C GLY B 476 -0.43 21.89 14.95
N VAL B 477 -0.98 20.81 14.44
CA VAL B 477 -0.52 20.20 13.22
C VAL B 477 -1.75 19.94 12.38
N LEU B 478 -1.58 20.02 11.06
CA LEU B 478 -2.64 19.81 10.09
C LEU B 478 -2.24 18.73 9.08
N PHE B 479 -3.07 17.68 8.93
CA PHE B 479 -2.74 16.59 8.02
C PHE B 479 -3.53 16.67 6.73
N ASN B 480 -2.88 16.37 5.61
CA ASN B 480 -3.56 16.46 4.34
C ASN B 480 -3.00 15.47 3.31
N GLY B 481 -3.87 14.85 2.54
CA GLY B 481 -3.43 13.92 1.55
C GLY B 481 -3.05 14.65 0.27
N GLY B 482 -3.44 14.08 -0.86
CA GLY B 482 -3.11 14.70 -2.11
C GLY B 482 -3.04 13.75 -3.27
N THR B 483 -3.13 14.34 -4.45
CA THR B 483 -3.19 13.61 -5.70
C THR B 483 -1.82 13.04 -6.09
N ASP B 484 -0.77 13.52 -5.42
CA ASP B 484 0.62 13.12 -5.68
C ASP B 484 1.08 12.00 -4.75
N ARG B 485 0.12 11.37 -4.10
CA ARG B 485 0.35 10.28 -3.14
C ARG B 485 0.88 10.71 -1.78
N TYR B 486 1.43 11.91 -1.68
CA TYR B 486 2.05 12.36 -0.42
C TYR B 486 1.06 12.62 0.73
N PHE B 487 1.42 12.16 1.92
CA PHE B 487 0.65 12.45 3.12
C PHE B 487 1.50 13.37 3.99
N ARG B 488 1.01 14.57 4.25
CA ARG B 488 1.80 15.61 4.88
C ARG B 488 1.20 16.17 6.15
N ALA B 489 2.08 16.52 7.08
CA ALA B 489 1.71 17.27 8.27
C ALA B 489 2.14 18.71 8.04
N LEU B 490 1.22 19.64 8.24
CA LEU B 490 1.54 21.06 8.18
C LEU B 490 1.51 21.74 9.54
N SER B 491 2.25 22.84 9.68
CA SER B 491 2.14 23.68 10.86
C SER B 491 0.89 24.52 10.76
N GLN B 492 0.07 24.53 11.82
CA GLN B 492 -1.15 25.31 11.80
C GLN B 492 -0.79 26.78 11.94
N GLU B 493 0.43 27.01 12.38
CA GLU B 493 0.89 28.37 12.61
C GLU B 493 1.29 29.05 11.31
N THR B 494 2.08 28.36 10.49
CA THR B 494 2.77 29.00 9.39
C THR B 494 2.45 28.34 8.06
N GLY B 495 1.83 27.16 8.10
CA GLY B 495 1.58 26.41 6.88
C GLY B 495 2.77 25.61 6.36
N GLU B 496 3.92 25.74 7.01
CA GLU B 496 5.12 25.04 6.55
C GLU B 496 4.94 23.52 6.61
N THR B 497 5.52 22.81 5.66
CA THR B 497 5.43 21.35 5.69
C THR B 497 6.44 20.83 6.70
N LEU B 498 5.95 20.08 7.67
CA LEU B 498 6.78 19.62 8.77
C LEU B 498 7.19 18.17 8.59
N TRP B 499 6.43 17.42 7.80
CA TRP B 499 6.66 15.99 7.66
C TRP B 499 5.82 15.47 6.54
N GLN B 500 6.38 14.53 5.80
CA GLN B 500 5.56 13.81 4.84
C GLN B 500 6.01 12.40 4.62
N THR B 501 5.09 11.60 4.10
CA THR B 501 5.40 10.27 3.66
C THR B 501 4.63 10.12 2.35
N ARG B 502 4.85 9.03 1.65
CA ARG B 502 4.14 8.82 0.39
C ARG B 502 3.40 7.49 0.38
N LEU B 503 2.09 7.58 0.21
CA LEU B 503 1.24 6.38 0.17
C LEU B 503 1.43 5.63 -1.16
N ALA B 504 0.96 4.39 -1.25
CA ALA B 504 1.12 3.63 -2.48
C ALA B 504 0.21 4.17 -3.57
N THR B 505 -0.83 4.88 -3.17
CA THR B 505 -1.80 5.41 -4.11
C THR B 505 -2.01 6.87 -3.79
N VAL B 506 -2.82 7.53 -4.61
CA VAL B 506 -3.32 8.85 -4.29
C VAL B 506 -3.79 8.80 -2.85
N ALA B 507 -3.47 9.84 -2.09
CA ALA B 507 -3.81 9.94 -0.68
C ALA B 507 -5.17 10.59 -0.60
N SER B 508 -6.20 9.81 -0.86
CA SER B 508 -7.48 10.34 -1.32
C SER B 508 -8.55 10.43 -0.25
N GLY B 509 -8.39 9.68 0.84
CA GLY B 509 -9.41 9.69 1.87
C GLY B 509 -9.08 10.61 3.02
N GLN B 510 -9.98 10.67 3.99
CA GLN B 510 -9.89 11.60 5.10
C GLN B 510 -8.96 11.11 6.22
N ALA B 511 -8.02 11.95 6.63
CA ALA B 511 -7.19 11.61 7.78
C ALA B 511 -7.96 11.80 9.10
N ILE B 512 -7.82 10.85 10.01
CA ILE B 512 -8.40 11.03 11.34
C ILE B 512 -7.33 10.75 12.37
N SER B 513 -7.61 11.09 13.61
CA SER B 513 -6.71 10.75 14.69
C SER B 513 -7.49 10.19 15.86
N TYR B 514 -6.90 9.22 16.54
CA TYR B 514 -7.53 8.62 17.69
C TYR B 514 -6.48 8.08 18.67
N GLU B 515 -6.96 7.48 19.75
CA GLU B 515 -6.08 7.04 20.81
C GLU B 515 -6.44 5.65 21.26
N VAL B 516 -5.43 4.84 21.53
CA VAL B 516 -5.62 3.54 22.11
C VAL B 516 -4.51 3.38 23.13
N ASP B 517 -4.86 3.06 24.38
CA ASP B 517 -3.89 2.92 25.48
C ASP B 517 -2.91 4.08 25.63
N GLY B 518 -3.40 5.31 25.47
CA GLY B 518 -2.54 6.47 25.57
C GLY B 518 -1.68 6.84 24.36
N MET B 519 -1.52 5.93 23.39
CA MET B 519 -0.84 6.29 22.14
C MET B 519 -1.80 6.98 21.16
N GLN B 520 -1.37 8.11 20.60
CA GLN B 520 -2.14 8.77 19.55
C GLN B 520 -1.77 8.19 18.18
N TYR B 521 -2.77 7.85 17.39
CA TYR B 521 -2.54 7.37 16.03
C TYR B 521 -3.14 8.35 15.05
N VAL B 522 -2.54 8.39 13.86
CA VAL B 522 -3.11 9.12 12.74
C VAL B 522 -3.30 8.11 11.62
N ALA B 523 -4.49 8.13 11.03
CA ALA B 523 -4.85 7.12 10.03
C ALA B 523 -5.44 7.76 8.79
N ILE B 524 -5.19 7.12 7.66
CA ILE B 524 -5.73 7.59 6.39
C ILE B 524 -5.67 6.49 5.34
N ALA B 525 -6.59 6.57 4.39
CA ALA B 525 -6.62 5.70 3.22
C ALA B 525 -6.82 6.65 2.04
N GLY B 526 -6.48 6.28 0.80
CA GLY B 526 -5.87 5.04 0.47
C GLY B 526 -6.17 4.48 -0.92
N GLY B 527 -6.66 5.23 -1.89
CA GLY B 527 -6.67 4.61 -3.21
C GLY B 527 -7.62 4.97 -4.35
N GLY B 528 -7.55 4.16 -5.41
CA GLY B 528 -8.42 4.32 -6.57
C GLY B 528 -8.04 5.46 -7.50
N VAL B 529 -8.88 5.70 -8.48
CA VAL B 529 -8.67 6.82 -9.38
C VAL B 529 -9.50 8.01 -8.93
N SER B 530 -8.88 9.20 -8.95
CA SER B 530 -9.48 10.43 -8.46
C SER B 530 -9.84 11.41 -9.59
N TYR B 531 -11.00 12.04 -9.49
CA TYR B 531 -11.32 13.13 -10.42
C TYR B 531 -10.27 14.24 -10.32
N GLY B 532 -9.79 14.49 -9.10
CA GLY B 532 -8.72 15.44 -8.86
C GLY B 532 -7.45 15.18 -9.67
N SER B 533 -7.17 13.92 -9.97
CA SER B 533 -5.97 13.63 -10.76
C SER B 533 -5.99 14.30 -12.14
N GLY B 534 -7.18 14.43 -12.72
CA GLY B 534 -7.33 15.05 -14.03
C GLY B 534 -6.94 16.52 -14.06
N LEU B 535 -7.11 17.20 -12.92
CA LEU B 535 -6.70 18.60 -12.81
C LEU B 535 -5.23 18.79 -13.18
N ASN B 536 -4.39 17.77 -12.96
CA ASN B 536 -2.96 17.91 -13.24
C ASN B 536 -2.60 18.11 -14.69
N SER B 537 -3.58 17.94 -15.58
CA SER B 537 -3.31 18.16 -16.98
C SER B 537 -2.95 19.62 -17.18
N ALA B 538 -3.39 20.45 -16.25
CA ALA B 538 -3.16 21.89 -16.31
C ALA B 538 -1.71 22.19 -16.00
N LEU B 539 -1.05 21.28 -15.31
CA LEU B 539 0.40 21.33 -15.18
C LEU B 539 0.98 21.04 -16.56
N ALA B 540 1.82 21.95 -17.04
CA ALA B 540 2.42 21.78 -18.36
C ALA B 540 3.77 21.07 -18.26
N GLY B 541 3.84 19.87 -18.84
CA GLY B 541 5.07 19.11 -18.84
C GLY B 541 5.15 18.10 -17.71
N GLU B 542 5.36 18.60 -16.49
CA GLU B 542 5.54 17.70 -15.35
C GLU B 542 4.32 16.85 -15.11
N ARG B 543 4.53 15.55 -14.97
CA ARG B 543 3.43 14.66 -14.64
C ARG B 543 3.43 14.39 -13.15
N VAL B 544 2.29 13.98 -12.62
CA VAL B 544 2.28 13.57 -11.23
C VAL B 544 1.82 12.13 -11.14
N ASP B 545 2.59 11.33 -10.42
CA ASP B 545 2.36 9.90 -10.37
C ASP B 545 1.19 9.49 -9.47
N SER B 546 -0.02 9.68 -9.99
CA SER B 546 -1.26 9.43 -9.25
C SER B 546 -1.74 7.97 -9.18
N THR B 547 -0.87 7.06 -8.75
CA THR B 547 -1.16 5.62 -8.80
C THR B 547 -2.54 5.24 -8.24
N ALA B 548 -3.31 4.48 -9.01
CA ALA B 548 -4.68 4.09 -8.62
C ALA B 548 -4.78 2.74 -7.92
N ILE B 549 -3.88 1.82 -8.24
CA ILE B 549 -3.88 0.50 -7.62
C ILE B 549 -2.95 0.39 -6.40
N GLY B 550 -3.36 -0.37 -5.39
CA GLY B 550 -2.60 -0.46 -4.16
C GLY B 550 -3.39 -0.04 -2.93
N ASN B 551 -4.72 -0.04 -3.06
CA ASN B 551 -5.62 0.48 -2.02
C ASN B 551 -5.31 0.03 -0.58
N ALA B 552 -5.23 0.99 0.34
CA ALA B 552 -4.88 0.65 1.70
C ALA B 552 -5.28 1.73 2.71
N VAL B 553 -5.49 1.33 3.95
CA VAL B 553 -5.50 2.24 5.06
C VAL B 553 -4.15 2.12 5.79
N TYR B 554 -3.63 3.27 6.22
CA TYR B 554 -2.33 3.35 6.89
C TYR B 554 -2.54 4.03 8.22
N VAL B 555 -1.71 3.67 9.20
CA VAL B 555 -1.84 4.25 10.53
C VAL B 555 -0.43 4.56 11.02
N PHE B 556 -0.21 5.81 11.41
CA PHE B 556 1.11 6.27 11.86
C PHE B 556 1.09 6.67 13.34
N ALA B 557 2.27 6.73 13.95
CA ALA B 557 2.44 7.14 15.35
C ALA B 557 3.89 7.49 15.66
N LEU B 558 4.13 8.16 16.79
CA LEU B 558 5.47 8.43 17.29
C LEU B 558 6.15 7.13 17.66
N PRO B 559 7.48 7.08 17.54
CA PRO B 559 8.20 5.91 18.03
C PRO B 559 7.97 5.80 19.52
N GLN B 560 7.64 4.62 20.03
CA GLN B 560 7.33 4.47 21.45
C GLN B 560 8.55 3.96 22.22
#